data_8YKT
#
_entry.id   8YKT
#
_cell.length_a   106.250
_cell.length_b   73.320
_cell.length_c   114.220
_cell.angle_alpha   90.00
_cell.angle_beta   91.66
_cell.angle_gamma   90.00
#
_symmetry.space_group_name_H-M   'C 1 2 1'
#
loop_
_entity.id
_entity.type
_entity.pdbx_description
1 polymer 'Enterotoxin type B'
2 polymer 'Fab Heavy chain'
3 polymer 'Fab Light chain'
4 water water
#
loop_
_entity_poly.entity_id
_entity_poly.type
_entity_poly.pdbx_seq_one_letter_code
_entity_poly.pdbx_strand_id
1 'polypeptide(L)'
;ESQPDPKPDELHKSSKFTGLMENMKVLYDDNHVSAINVKSIDQFRYFDLIYSIKDTKLGNYDNVRVEFKNKDLADKYKDK
YVDVFGANAYYQCAFSKKTNDINSHQTDKRKTCMYGGVTEHNGNQLDKYRSITVRVFEDGKNLLSFDVQTNKKKVTAQEL
DYLTRHYLVKNKKLYEFNNSPYETGYIKFIENENSFWYDMMPAPGDKFDQSKYLMMYNDNKMVDSKDVKIEVYLTTKKK
;
A
2 'polypeptide(L)'
;DEVQLVESGGGVVQPGKSLRLSCAASGFTFSNYGMHWVRQAPGKGLEWVAVISYDGSDKFYADSVKGRFTVSRDTSKNTL
FLQMNSLIPEDTAVYYCAKDPYPSQRAPWNWVDPRGQGTLVTVSSASTKGPSVFPLAPSSKSTSGGTAALGCLVKDYFPE
PVTVSWNSGALTSGVHTFPAVLQSSGLYSLSSVVTVPSSSLGTQTYICNVNHKPSNTKVDKRVEPKSCDKTH
;
H
3 'polypeptide(L)'
;DQSVLTQPPSVSAAPGQKVTISCSGNSSNIGQNHVSWYQQVPGKAPKVLIYDTKERPSGIPDRFSGSRSGTSVTLGITGL
QTGDEADYYCGTWDSRLSAVVFGGGTKLTVLGQPKAAPSVTLFPPSSEELQANKATLVCLISDFYPGAVTVAWKADSSPV
KAGVETTTPSKQSNNKYAASSYLSLTPEQWKSHRSYSCQVTHEGSTVEKTVAPTECS
;
L
#
# COMPACT_ATOMS: atom_id res chain seq x y z
N SER A 2 -11.02 -33.74 -21.04
CA SER A 2 -10.31 -32.70 -20.30
C SER A 2 -8.93 -33.19 -19.87
N GLN A 3 -7.90 -32.46 -20.26
CA GLN A 3 -6.53 -32.89 -20.00
C GLN A 3 -6.24 -32.87 -18.50
N PRO A 4 -5.63 -33.91 -17.95
CA PRO A 4 -5.20 -33.86 -16.55
C PRO A 4 -4.18 -32.75 -16.32
N ASP A 5 -4.26 -32.12 -15.15
CA ASP A 5 -3.32 -31.07 -14.80
C ASP A 5 -1.93 -31.66 -14.59
N PRO A 6 -0.88 -30.84 -14.70
CA PRO A 6 0.48 -31.36 -14.59
C PRO A 6 0.71 -32.07 -13.25
N LYS A 7 1.39 -33.19 -13.32
CA LYS A 7 1.79 -33.94 -12.14
C LYS A 7 3.04 -33.32 -11.52
N PRO A 8 3.33 -33.63 -10.27
CA PRO A 8 4.61 -33.18 -9.70
C PRO A 8 5.79 -33.66 -10.53
N ASP A 9 6.76 -32.77 -10.73
CA ASP A 9 8.00 -32.99 -11.48
C ASP A 9 7.77 -33.12 -12.98
N GLU A 10 6.54 -32.94 -13.48
CA GLU A 10 6.30 -33.07 -14.91
C GLU A 10 6.78 -31.86 -15.69
N LEU A 11 6.64 -30.66 -15.11
CA LEU A 11 6.95 -29.43 -15.83
C LEU A 11 8.45 -29.28 -16.03
N HIS A 12 8.81 -28.72 -17.18
CA HIS A 12 10.22 -28.45 -17.47
C HIS A 12 10.76 -27.40 -16.50
N LYS A 13 11.97 -27.63 -16.02
CA LYS A 13 12.65 -26.71 -15.11
C LYS A 13 13.67 -25.90 -15.87
N SER A 14 13.58 -24.57 -15.76
CA SER A 14 14.48 -23.69 -16.50
C SER A 14 15.93 -23.86 -16.07
N SER A 15 16.15 -24.25 -14.81
CA SER A 15 17.52 -24.45 -14.34
C SER A 15 18.20 -25.63 -15.03
N LYS A 16 17.42 -26.60 -15.50
CA LYS A 16 17.98 -27.75 -16.21
C LYS A 16 18.19 -27.46 -17.70
N PHE A 17 17.81 -26.28 -18.17
CA PHE A 17 18.12 -25.82 -19.52
C PHE A 17 19.31 -24.87 -19.44
N THR A 18 20.42 -25.25 -20.08
CA THR A 18 21.65 -24.49 -19.99
C THR A 18 21.97 -23.68 -21.23
N GLY A 19 21.11 -23.70 -22.24
CA GLY A 19 21.29 -22.86 -23.40
C GLY A 19 20.82 -21.45 -23.15
N LEU A 20 20.79 -20.66 -24.22
CA LEU A 20 20.35 -19.28 -24.14
C LEU A 20 18.82 -19.23 -24.11
N MET A 21 18.26 -18.64 -23.05
CA MET A 21 16.82 -18.45 -22.98
C MET A 21 16.32 -17.43 -24.01
N GLU A 22 17.24 -16.65 -24.61
CA GLU A 22 16.85 -15.74 -25.68
C GLU A 22 16.17 -16.48 -26.82
N ASN A 23 16.59 -17.72 -27.10
CA ASN A 23 15.98 -18.49 -28.17
C ASN A 23 14.51 -18.79 -27.88
N MET A 24 14.17 -18.98 -26.60
CA MET A 24 12.76 -19.02 -26.21
C MET A 24 12.12 -17.64 -26.30
N LYS A 25 12.85 -16.61 -25.89
CA LYS A 25 12.27 -15.28 -25.76
C LYS A 25 11.86 -14.70 -27.12
N VAL A 26 12.69 -14.93 -28.15
CA VAL A 26 12.42 -14.36 -29.47
C VAL A 26 11.10 -14.86 -30.04
N LEU A 27 10.65 -16.04 -29.61
CA LEU A 27 9.37 -16.58 -30.09
C LEU A 27 8.20 -15.73 -29.61
N TYR A 28 8.35 -15.02 -28.50
CA TYR A 28 7.25 -14.27 -27.90
C TYR A 28 7.56 -12.79 -27.75
N ASP A 29 8.46 -12.26 -28.58
CA ASP A 29 8.72 -10.85 -28.65
C ASP A 29 7.80 -10.21 -29.69
N ASP A 30 8.12 -8.97 -30.09
CA ASP A 30 7.24 -8.23 -30.99
C ASP A 30 7.07 -8.93 -32.33
N ASN A 31 8.14 -9.49 -32.88
CA ASN A 31 8.11 -10.03 -34.23
C ASN A 31 7.27 -11.31 -34.26
N HIS A 32 6.03 -11.17 -34.72
CA HIS A 32 5.14 -12.30 -34.93
C HIS A 32 4.51 -12.16 -36.32
N VAL A 33 4.02 -13.27 -36.84
CA VAL A 33 3.42 -13.32 -38.17
C VAL A 33 1.91 -13.18 -38.04
N SER A 34 1.33 -12.27 -38.83
CA SER A 34 -0.10 -12.08 -38.87
C SER A 34 -0.51 -11.68 -40.28
N ALA A 35 -1.66 -12.20 -40.72
CA ALA A 35 -2.25 -11.82 -42.00
C ALA A 35 -3.75 -11.97 -41.89
N ILE A 36 -4.46 -11.11 -42.62
CA ILE A 36 -5.91 -11.05 -42.57
C ILE A 36 -6.46 -11.29 -43.96
N ASN A 37 -7.37 -12.26 -44.08
CA ASN A 37 -8.08 -12.55 -45.32
C ASN A 37 -7.12 -12.92 -46.45
N VAL A 38 -6.42 -14.03 -46.25
CA VAL A 38 -5.48 -14.54 -47.24
C VAL A 38 -5.81 -16.00 -47.54
N LYS A 39 -5.49 -16.43 -48.75
CA LYS A 39 -5.75 -17.80 -49.20
C LYS A 39 -4.43 -18.44 -49.61
N SER A 40 -4.28 -19.72 -49.27
CA SER A 40 -3.02 -20.41 -49.52
C SER A 40 -2.72 -20.46 -51.01
N ILE A 41 -1.44 -20.32 -51.34
CA ILE A 41 -1.00 -20.25 -52.74
C ILE A 41 -0.24 -21.49 -53.18
N ASP A 42 0.33 -22.28 -52.26
CA ASP A 42 1.12 -23.43 -52.63
C ASP A 42 1.05 -24.44 -51.49
N GLN A 43 1.67 -25.60 -51.72
CA GLN A 43 1.71 -26.68 -50.74
C GLN A 43 3.07 -27.36 -50.85
N PHE A 44 3.88 -27.26 -49.81
CA PHE A 44 5.18 -27.94 -49.81
C PHE A 44 5.01 -29.44 -49.57
N ARG A 45 4.45 -29.80 -48.42
CA ARG A 45 4.11 -31.18 -48.09
C ARG A 45 2.60 -31.32 -48.03
N TYR A 46 2.14 -32.51 -47.66
CA TYR A 46 0.72 -32.81 -47.66
C TYR A 46 -0.03 -32.21 -46.48
N PHE A 47 0.68 -31.87 -45.40
CA PHE A 47 0.05 -31.36 -44.18
C PHE A 47 0.41 -29.91 -43.90
N ASP A 48 0.89 -29.17 -44.89
CA ASP A 48 1.24 -27.78 -44.73
C ASP A 48 0.57 -26.94 -45.81
N LEU A 49 0.53 -25.63 -45.58
CA LEU A 49 0.02 -24.67 -46.56
C LEU A 49 1.00 -23.51 -46.68
N ILE A 50 1.14 -22.98 -47.89
CA ILE A 50 2.01 -21.85 -48.17
C ILE A 50 1.16 -20.61 -48.36
N TYR A 51 1.52 -19.54 -47.66
CA TYR A 51 0.79 -18.28 -47.74
C TYR A 51 1.74 -17.16 -48.18
N SER A 52 1.16 -16.16 -48.83
CA SER A 52 1.90 -14.97 -49.26
C SER A 52 1.55 -13.85 -48.28
N ILE A 53 2.31 -13.77 -47.19
CA ILE A 53 2.11 -12.78 -46.14
C ILE A 53 3.22 -11.75 -46.27
N LYS A 54 2.84 -10.50 -46.53
CA LYS A 54 3.80 -9.41 -46.67
C LYS A 54 3.80 -8.59 -45.39
N ASP A 55 4.97 -8.51 -44.76
CA ASP A 55 5.27 -7.54 -43.72
C ASP A 55 6.63 -6.92 -43.98
N THR A 56 6.96 -6.77 -45.26
CA THR A 56 8.32 -6.40 -45.67
C THR A 56 8.73 -5.02 -45.16
N LYS A 57 7.78 -4.21 -44.71
CA LYS A 57 8.13 -2.90 -44.15
C LYS A 57 8.82 -3.06 -42.81
N LEU A 58 8.15 -3.72 -41.86
CA LEU A 58 8.68 -3.90 -40.51
C LEU A 58 9.21 -5.31 -40.26
N GLY A 59 8.51 -6.34 -40.72
CA GLY A 59 9.02 -7.70 -40.64
C GLY A 59 10.01 -7.99 -41.74
N ASN A 60 10.52 -9.22 -41.73
CA ASN A 60 11.58 -9.63 -42.67
C ASN A 60 11.31 -11.03 -43.21
N TYR A 61 10.08 -11.30 -43.61
CA TYR A 61 9.75 -12.57 -44.23
C TYR A 61 8.50 -12.39 -45.08
N ASP A 62 8.58 -12.80 -46.35
CA ASP A 62 7.50 -12.55 -47.30
C ASP A 62 6.71 -13.80 -47.68
N ASN A 63 7.25 -14.99 -47.48
CA ASN A 63 6.53 -16.23 -47.72
C ASN A 63 6.67 -17.13 -46.50
N VAL A 64 5.56 -17.74 -46.09
CA VAL A 64 5.49 -18.46 -44.81
C VAL A 64 4.76 -19.78 -45.03
N ARG A 65 5.28 -20.84 -44.42
CA ARG A 65 4.73 -22.18 -44.54
C ARG A 65 4.06 -22.55 -43.21
N VAL A 66 2.77 -22.87 -43.25
CA VAL A 66 2.00 -23.22 -42.06
C VAL A 66 1.83 -24.73 -42.02
N GLU A 67 2.35 -25.37 -40.99
CA GLU A 67 2.33 -26.82 -40.86
C GLU A 67 1.25 -27.24 -39.86
N PHE A 68 0.49 -28.27 -40.24
CA PHE A 68 -0.60 -28.80 -39.43
C PHE A 68 -0.29 -30.21 -38.95
N LYS A 69 -1.14 -30.70 -38.05
CA LYS A 69 -0.94 -32.02 -37.47
C LYS A 69 -1.20 -33.13 -38.49
N ASN A 70 -2.09 -32.90 -39.45
CA ASN A 70 -2.51 -33.97 -40.35
C ASN A 70 -2.97 -33.38 -41.68
N LYS A 71 -3.27 -34.27 -42.62
CA LYS A 71 -3.74 -33.85 -43.94
C LYS A 71 -5.12 -33.20 -43.87
N ASP A 72 -5.96 -33.63 -42.93
CA ASP A 72 -7.33 -33.12 -42.85
C ASP A 72 -7.34 -31.62 -42.57
N LEU A 73 -6.49 -31.16 -41.64
CA LEU A 73 -6.44 -29.74 -41.33
C LEU A 73 -5.99 -28.93 -42.54
N ALA A 74 -4.96 -29.41 -43.24
CA ALA A 74 -4.49 -28.70 -44.43
C ALA A 74 -5.56 -28.67 -45.51
N ASP A 75 -6.28 -29.77 -45.69
CA ASP A 75 -7.36 -29.80 -46.68
C ASP A 75 -8.48 -28.86 -46.31
N LYS A 76 -8.78 -28.73 -45.01
CA LYS A 76 -9.89 -27.91 -44.57
C LYS A 76 -9.69 -26.44 -44.95
N TYR A 77 -8.45 -25.96 -44.88
CA TYR A 77 -8.15 -24.55 -45.09
C TYR A 77 -7.48 -24.26 -46.43
N LYS A 78 -7.31 -25.26 -47.30
CA LYS A 78 -6.48 -25.07 -48.49
C LYS A 78 -7.06 -24.01 -49.42
N ASP A 79 -8.37 -24.08 -49.68
CA ASP A 79 -9.02 -23.17 -50.62
C ASP A 79 -9.88 -22.12 -49.95
N LYS A 80 -9.74 -21.94 -48.65
CA LYS A 80 -10.54 -20.97 -47.90
C LYS A 80 -9.70 -19.77 -47.51
N TYR A 81 -10.35 -18.62 -47.45
CA TYR A 81 -9.69 -17.40 -46.98
C TYR A 81 -9.68 -17.39 -45.46
N VAL A 82 -8.50 -17.18 -44.88
CA VAL A 82 -8.27 -17.39 -43.46
C VAL A 82 -7.56 -16.19 -42.87
N ASP A 83 -7.55 -16.14 -41.55
CA ASP A 83 -6.66 -15.26 -40.78
C ASP A 83 -5.56 -16.11 -40.17
N VAL A 84 -4.33 -15.59 -40.21
CA VAL A 84 -3.15 -16.30 -39.72
C VAL A 84 -2.56 -15.50 -38.57
N PHE A 85 -2.25 -16.19 -37.47
CA PHE A 85 -1.60 -15.57 -36.32
C PHE A 85 -0.76 -16.65 -35.64
N GLY A 86 0.53 -16.37 -35.46
CA GLY A 86 1.37 -17.35 -34.79
C GLY A 86 2.75 -16.81 -34.52
N ALA A 87 3.54 -17.62 -33.82
CA ALA A 87 4.95 -17.36 -33.57
C ALA A 87 5.78 -18.12 -34.60
N ASN A 88 6.73 -17.44 -35.22
CA ASN A 88 7.44 -17.95 -36.38
C ASN A 88 8.79 -18.54 -35.99
N ALA A 89 9.16 -19.63 -36.65
CA ALA A 89 10.43 -20.31 -36.43
C ALA A 89 11.29 -20.12 -37.69
N TYR A 90 12.27 -19.22 -37.59
CA TYR A 90 13.21 -18.96 -38.67
C TYR A 90 14.30 -20.01 -38.78
N TYR A 91 14.38 -20.95 -37.84
CA TYR A 91 15.55 -21.81 -37.68
C TYR A 91 15.92 -22.58 -38.93
N GLN A 92 15.09 -23.58 -39.29
CA GLN A 92 15.28 -24.36 -40.50
C GLN A 92 14.10 -25.30 -40.72
N CYS A 93 13.53 -25.29 -41.92
CA CYS A 93 12.52 -26.28 -42.29
C CYS A 93 12.93 -27.06 -43.53
N ALA A 94 13.23 -26.35 -44.63
CA ALA A 94 13.43 -26.84 -45.99
C ALA A 94 13.00 -25.74 -46.96
N PHE A 95 11.81 -25.19 -46.69
CA PHE A 95 11.27 -24.04 -47.40
C PHE A 95 11.98 -22.77 -46.98
N ARG A 110 13.02 -13.18 -46.50
CA ARG A 110 13.18 -14.49 -47.11
C ARG A 110 11.96 -15.38 -46.84
N LYS A 111 12.18 -16.49 -46.16
CA LYS A 111 11.14 -17.47 -45.88
C LYS A 111 11.08 -17.75 -44.38
N THR A 112 9.97 -18.33 -43.95
CA THR A 112 9.77 -18.67 -42.54
C THR A 112 8.71 -19.75 -42.43
N CYS A 113 8.60 -20.33 -41.25
CA CYS A 113 7.67 -21.42 -40.98
C CYS A 113 6.94 -21.17 -39.66
N MET A 114 5.81 -21.85 -39.52
CA MET A 114 5.01 -21.78 -38.29
C MET A 114 4.11 -23.00 -38.26
N TYR A 115 3.33 -23.12 -37.18
CA TYR A 115 2.43 -24.24 -36.99
C TYR A 115 1.06 -23.74 -36.57
N GLY A 116 0.02 -24.21 -37.28
CA GLY A 116 -1.34 -23.86 -36.93
C GLY A 116 -1.58 -22.37 -37.03
N GLY A 117 -2.37 -21.85 -36.08
CA GLY A 117 -2.66 -20.43 -36.04
C GLY A 117 -3.53 -19.94 -37.16
N VAL A 118 -4.32 -20.81 -37.77
CA VAL A 118 -5.15 -20.48 -38.93
C VAL A 118 -6.61 -20.60 -38.54
N THR A 119 -7.38 -19.55 -38.82
CA THR A 119 -8.82 -19.56 -38.55
C THR A 119 -9.57 -18.99 -39.74
N GLU A 120 -10.76 -19.53 -39.97
CA GLU A 120 -11.60 -19.06 -41.07
C GLU A 120 -11.93 -17.57 -40.89
N HIS A 121 -11.85 -16.81 -41.97
CA HIS A 121 -12.07 -15.36 -41.88
C HIS A 121 -13.55 -15.03 -41.83
N ASN A 122 -14.34 -15.62 -42.72
CA ASN A 122 -15.73 -15.21 -42.87
C ASN A 122 -16.54 -15.50 -41.61
N GLY A 123 -17.21 -14.48 -41.10
CA GLY A 123 -18.08 -14.62 -39.95
C GLY A 123 -17.39 -14.70 -38.60
N ASN A 124 -16.09 -14.47 -38.55
CA ASN A 124 -15.31 -14.67 -37.33
C ASN A 124 -14.92 -13.37 -36.63
N GLN A 125 -15.35 -12.21 -37.14
CA GLN A 125 -14.96 -10.94 -36.56
C GLN A 125 -16.07 -10.38 -35.68
N LEU A 126 -15.69 -9.77 -34.58
CA LEU A 126 -16.59 -9.01 -33.73
C LEU A 126 -16.49 -7.53 -34.07
N ASP A 127 -17.51 -6.76 -33.69
CA ASP A 127 -17.46 -5.32 -33.90
C ASP A 127 -16.38 -4.68 -33.05
N LYS A 128 -16.27 -5.08 -31.79
CA LYS A 128 -15.34 -4.49 -30.84
C LYS A 128 -14.39 -5.54 -30.31
N TYR A 129 -13.20 -5.09 -29.91
CA TYR A 129 -12.24 -5.99 -29.27
C TYR A 129 -12.82 -6.55 -27.98
N ARG A 130 -12.67 -7.86 -27.80
CA ARG A 130 -13.11 -8.52 -26.58
C ARG A 130 -11.90 -8.73 -25.67
N SER A 131 -12.09 -8.43 -24.38
CA SER A 131 -11.03 -8.57 -23.40
C SER A 131 -11.13 -9.91 -22.69
N ILE A 132 -9.98 -10.57 -22.51
CA ILE A 132 -9.87 -11.79 -21.74
C ILE A 132 -8.90 -11.54 -20.60
N THR A 133 -9.33 -11.79 -19.37
CA THR A 133 -8.52 -11.53 -18.19
C THR A 133 -7.66 -12.75 -17.88
N VAL A 134 -6.35 -12.55 -17.88
CA VAL A 134 -5.40 -13.61 -17.55
C VAL A 134 -5.09 -13.54 -16.06
N ARG A 135 -5.22 -14.66 -15.37
CA ARG A 135 -4.93 -14.75 -13.95
C ARG A 135 -3.60 -15.45 -13.77
N VAL A 136 -2.64 -14.76 -13.17
CA VAL A 136 -1.26 -15.26 -13.02
C VAL A 136 -1.05 -15.66 -11.57
N PHE A 137 -0.53 -16.86 -11.37
CA PHE A 137 -0.19 -17.37 -10.05
C PHE A 137 1.32 -17.58 -9.97
N GLU A 138 1.88 -17.37 -8.78
CA GLU A 138 3.28 -17.67 -8.51
C GLU A 138 3.36 -18.39 -7.18
N ASP A 139 3.88 -19.62 -7.21
CA ASP A 139 4.02 -20.46 -6.02
C ASP A 139 2.67 -20.64 -5.30
N GLY A 140 1.61 -20.77 -6.08
CA GLY A 140 0.29 -21.08 -5.56
C GLY A 140 -0.59 -19.90 -5.24
N LYS A 141 -0.02 -18.70 -5.12
CA LYS A 141 -0.78 -17.50 -4.79
C LYS A 141 -0.80 -16.58 -6.01
N ASN A 142 -1.94 -15.93 -6.24
CA ASN A 142 -2.07 -15.10 -7.43
C ASN A 142 -1.18 -13.88 -7.34
N LEU A 143 -0.52 -13.57 -8.46
CA LEU A 143 0.49 -12.53 -8.59
C LEU A 143 -0.08 -11.23 -9.13
N LEU A 144 -0.73 -11.31 -10.29
CA LEU A 144 -1.43 -10.18 -10.88
C LEU A 144 -2.38 -10.73 -11.94
N SER A 145 -3.36 -9.91 -12.29
CA SER A 145 -4.25 -10.22 -13.39
C SER A 145 -4.23 -9.08 -14.39
N PHE A 146 -4.35 -9.43 -15.67
CA PHE A 146 -4.26 -8.45 -16.74
C PHE A 146 -5.08 -8.93 -17.92
N ASP A 147 -5.39 -7.99 -18.82
CA ASP A 147 -6.25 -8.27 -19.96
C ASP A 147 -5.43 -8.46 -21.23
N VAL A 148 -5.84 -9.41 -22.05
CA VAL A 148 -5.44 -9.50 -23.44
C VAL A 148 -6.68 -9.25 -24.28
N GLN A 149 -6.46 -8.94 -25.56
CA GLN A 149 -7.54 -8.54 -26.45
C GLN A 149 -7.54 -9.39 -27.71
N THR A 150 -8.75 -9.62 -28.24
CA THR A 150 -8.91 -10.27 -29.53
C THR A 150 -10.24 -9.82 -30.13
N ASN A 151 -10.28 -9.76 -31.46
CA ASN A 151 -11.51 -9.44 -32.17
C ASN A 151 -12.05 -10.63 -32.95
N LYS A 152 -11.64 -11.84 -32.59
CA LYS A 152 -12.12 -13.06 -33.22
C LYS A 152 -13.11 -13.76 -32.29
N LYS A 153 -14.22 -14.23 -32.88
CA LYS A 153 -15.13 -15.10 -32.12
C LYS A 153 -14.44 -16.40 -31.76
N LYS A 154 -13.76 -17.01 -32.71
CA LYS A 154 -12.97 -18.21 -32.50
C LYS A 154 -11.50 -17.85 -32.66
N VAL A 155 -10.71 -18.12 -31.62
CA VAL A 155 -9.30 -17.78 -31.60
C VAL A 155 -8.52 -19.07 -31.34
N THR A 156 -7.36 -19.19 -31.99
CA THR A 156 -6.46 -20.28 -31.65
C THR A 156 -5.90 -20.07 -30.26
N ALA A 157 -5.66 -21.19 -29.56
CA ALA A 157 -4.95 -21.12 -28.30
C ALA A 157 -3.56 -20.52 -28.48
N GLN A 158 -2.97 -20.71 -29.66
CA GLN A 158 -1.64 -20.15 -29.92
C GLN A 158 -1.65 -18.63 -29.86
N GLU A 159 -2.66 -18.01 -30.46
CA GLU A 159 -2.72 -16.54 -30.44
C GLU A 159 -2.90 -16.02 -29.02
N LEU A 160 -3.78 -16.65 -28.24
CA LEU A 160 -3.94 -16.27 -26.84
C LEU A 160 -2.66 -16.55 -26.05
N ASP A 161 -2.00 -17.68 -26.33
CA ASP A 161 -0.75 -17.98 -25.65
C ASP A 161 0.32 -16.96 -25.98
N TYR A 162 0.43 -16.55 -27.24
CA TYR A 162 1.42 -15.53 -27.61
C TYR A 162 1.13 -14.21 -26.92
N LEU A 163 -0.13 -13.78 -26.92
CA LEU A 163 -0.47 -12.50 -26.30
C LEU A 163 -0.19 -12.52 -24.80
N THR A 164 -0.49 -13.64 -24.14
CA THR A 164 -0.24 -13.75 -22.71
C THR A 164 1.26 -13.71 -22.41
N ARG A 165 2.05 -14.50 -23.13
CA ARG A 165 3.48 -14.53 -22.87
C ARG A 165 4.18 -13.25 -23.31
N HIS A 166 3.68 -12.59 -24.36
CA HIS A 166 4.28 -11.32 -24.77
C HIS A 166 4.16 -10.28 -23.68
N TYR A 167 3.00 -10.22 -23.02
CA TYR A 167 2.83 -9.32 -21.88
C TYR A 167 3.78 -9.71 -20.74
N LEU A 168 3.87 -11.00 -20.45
CA LEU A 168 4.72 -11.45 -19.34
C LEU A 168 6.19 -11.20 -19.62
N VAL A 169 6.62 -11.35 -20.86
CA VAL A 169 8.01 -11.04 -21.21
C VAL A 169 8.29 -9.56 -21.02
N LYS A 170 7.39 -8.71 -21.51
CA LYS A 170 7.60 -7.26 -21.43
C LYS A 170 7.53 -6.75 -20.00
N ASN A 171 6.66 -7.34 -19.17
CA ASN A 171 6.30 -6.75 -17.89
C ASN A 171 6.80 -7.54 -16.68
N LYS A 172 6.94 -8.86 -16.78
CA LYS A 172 7.41 -9.66 -15.65
C LYS A 172 8.69 -10.42 -15.97
N LYS A 173 9.38 -10.04 -17.05
CA LYS A 173 10.67 -10.65 -17.42
C LYS A 173 10.56 -12.17 -17.51
N LEU A 174 9.49 -12.64 -18.16
CA LEU A 174 9.23 -14.08 -18.20
C LEU A 174 10.40 -14.85 -18.81
N TYR A 175 10.95 -14.33 -19.90
CA TYR A 175 12.18 -14.86 -20.47
C TYR A 175 13.19 -13.73 -20.61
N GLU A 176 14.46 -14.04 -20.35
CA GLU A 176 15.55 -13.11 -20.52
C GLU A 176 16.58 -13.70 -21.46
N PHE A 177 17.66 -12.94 -21.71
CA PHE A 177 18.68 -13.38 -22.65
C PHE A 177 19.34 -14.68 -22.18
N ASN A 178 19.73 -14.74 -20.92
CA ASN A 178 20.44 -15.89 -20.38
C ASN A 178 19.47 -16.89 -19.75
N ASN A 179 18.73 -16.46 -18.73
CA ASN A 179 17.89 -17.36 -17.95
C ASN A 179 16.46 -16.86 -17.87
N SER A 180 15.66 -17.50 -17.02
CA SER A 180 14.37 -17.05 -16.60
C SER A 180 14.33 -16.97 -15.08
N PRO A 181 13.69 -15.95 -14.50
CA PRO A 181 13.58 -15.88 -13.04
C PRO A 181 12.63 -16.89 -12.45
N TYR A 182 11.87 -17.61 -13.29
CA TYR A 182 10.90 -18.59 -12.84
C TYR A 182 11.40 -19.99 -13.17
N GLU A 183 11.25 -20.90 -12.21
CA GLU A 183 11.72 -22.27 -12.43
C GLU A 183 10.82 -23.05 -13.38
N THR A 184 9.51 -22.97 -13.18
CA THR A 184 8.57 -23.66 -14.04
C THR A 184 7.42 -22.72 -14.38
N GLY A 185 6.68 -23.09 -15.42
CA GLY A 185 5.51 -22.35 -15.81
C GLY A 185 4.65 -23.11 -16.81
N TYR A 186 3.34 -23.10 -16.59
CA TYR A 186 2.41 -23.61 -17.59
C TYR A 186 1.22 -22.67 -17.67
N ILE A 187 0.69 -22.53 -18.88
CA ILE A 187 -0.49 -21.72 -19.16
C ILE A 187 -1.66 -22.66 -19.39
N LYS A 188 -2.78 -22.39 -18.73
CA LYS A 188 -3.94 -23.27 -18.79
C LYS A 188 -5.13 -22.51 -19.37
N PHE A 189 -5.80 -23.13 -20.34
CA PHE A 189 -7.01 -22.60 -20.93
C PHE A 189 -8.20 -23.42 -20.45
N ILE A 190 -9.26 -22.75 -20.01
CA ILE A 190 -10.45 -23.40 -19.48
C ILE A 190 -11.66 -22.96 -20.31
N GLU A 191 -12.42 -23.94 -20.81
CA GLU A 191 -13.62 -23.67 -21.60
C GLU A 191 -14.71 -24.61 -21.13
N ASN A 192 -15.59 -24.13 -20.25
CA ASN A 192 -16.77 -24.87 -19.79
C ASN A 192 -16.38 -26.21 -19.17
N GLU A 193 -15.60 -26.14 -18.09
CA GLU A 193 -15.16 -27.31 -17.33
C GLU A 193 -14.34 -28.28 -18.17
N ASN A 194 -13.71 -27.79 -19.24
CA ASN A 194 -12.79 -28.56 -20.06
C ASN A 194 -11.53 -27.74 -20.27
N SER A 195 -10.37 -28.34 -20.02
CA SER A 195 -9.14 -27.56 -19.94
C SER A 195 -7.98 -28.30 -20.59
N PHE A 196 -6.98 -27.52 -20.99
CA PHE A 196 -5.74 -28.03 -21.55
C PHE A 196 -4.64 -27.00 -21.25
N TRP A 197 -3.40 -27.45 -21.31
CA TRP A 197 -2.29 -26.58 -20.89
C TRP A 197 -1.05 -26.86 -21.73
N TYR A 198 -0.14 -25.88 -21.72
CA TYR A 198 1.14 -25.96 -22.40
C TYR A 198 2.26 -25.66 -21.40
N ASP A 199 3.36 -26.40 -21.51
CA ASP A 199 4.55 -26.10 -20.73
C ASP A 199 5.27 -24.90 -21.35
N MET A 200 5.57 -23.91 -20.52
CA MET A 200 6.19 -22.67 -20.98
C MET A 200 7.71 -22.69 -20.90
N MET A 201 8.31 -23.77 -20.38
CA MET A 201 9.75 -23.81 -20.22
C MET A 201 10.38 -24.76 -21.25
N PRO A 202 11.58 -24.46 -21.72
CA PRO A 202 12.22 -25.33 -22.71
C PRO A 202 12.66 -26.66 -22.10
N ALA A 203 12.79 -27.66 -22.96
CA ALA A 203 13.17 -28.99 -22.54
C ALA A 203 14.62 -28.99 -22.01
N PRO A 204 14.96 -29.91 -21.11
CA PRO A 204 16.31 -29.94 -20.55
C PRO A 204 17.36 -30.20 -21.63
N GLY A 205 18.55 -29.67 -21.39
CA GLY A 205 19.65 -29.73 -22.33
C GLY A 205 20.28 -28.36 -22.53
N ASP A 206 21.28 -28.33 -23.40
CA ASP A 206 21.96 -27.08 -23.73
C ASP A 206 21.54 -26.49 -25.07
N LYS A 207 20.67 -27.17 -25.81
CA LYS A 207 20.13 -26.64 -27.05
C LYS A 207 18.62 -26.57 -26.96
N PHE A 208 18.04 -25.56 -27.62
CA PHE A 208 16.60 -25.37 -27.69
C PHE A 208 16.17 -25.54 -29.15
N ASP A 209 15.34 -26.55 -29.41
CA ASP A 209 14.82 -26.82 -30.75
C ASP A 209 13.51 -26.06 -30.89
N GLN A 210 13.58 -24.88 -31.52
CA GLN A 210 12.40 -24.03 -31.63
C GLN A 210 11.29 -24.72 -32.42
N SER A 211 11.64 -25.38 -33.52
CA SER A 211 10.64 -26.02 -34.36
C SER A 211 9.88 -27.11 -33.61
N LYS A 212 10.61 -27.93 -32.87
CA LYS A 212 9.96 -29.01 -32.11
C LYS A 212 9.06 -28.44 -31.02
N TYR A 213 9.48 -27.35 -30.39
CA TYR A 213 8.65 -26.73 -29.34
C TYR A 213 7.36 -26.18 -29.92
N LEU A 214 7.46 -25.40 -31.01
CA LEU A 214 6.27 -24.79 -31.60
C LEU A 214 5.34 -25.81 -32.23
N MET A 215 5.78 -27.06 -32.38
CA MET A 215 4.93 -28.10 -32.94
C MET A 215 3.69 -28.38 -32.08
N MET A 216 3.70 -27.99 -30.81
CA MET A 216 2.54 -28.18 -29.96
C MET A 216 1.33 -27.39 -30.47
N TYR A 217 1.55 -26.39 -31.31
CA TYR A 217 0.47 -25.60 -31.89
C TYR A 217 -0.10 -26.21 -33.17
N ASN A 218 0.50 -27.27 -33.70
CA ASN A 218 0.10 -27.74 -35.03
C ASN A 218 -1.28 -28.38 -35.06
N ASP A 219 -1.89 -28.64 -33.91
CA ASP A 219 -3.26 -29.14 -33.90
C ASP A 219 -4.28 -28.05 -34.20
N ASN A 220 -3.84 -26.78 -34.28
CA ASN A 220 -4.71 -25.65 -34.62
C ASN A 220 -5.88 -25.56 -33.63
N LYS A 221 -5.60 -25.83 -32.36
CA LYS A 221 -6.63 -25.84 -31.33
C LYS A 221 -7.29 -24.47 -31.21
N MET A 222 -8.61 -24.46 -31.11
CA MET A 222 -9.40 -23.25 -31.08
C MET A 222 -10.27 -23.20 -29.83
N VAL A 223 -10.51 -21.99 -29.34
CA VAL A 223 -11.40 -21.75 -28.22
C VAL A 223 -12.32 -20.59 -28.58
N ASP A 224 -13.47 -20.53 -27.92
CA ASP A 224 -14.38 -19.42 -28.07
C ASP A 224 -13.94 -18.28 -27.17
N SER A 225 -13.74 -17.10 -27.76
CA SER A 225 -13.23 -15.96 -27.00
C SER A 225 -14.23 -15.47 -25.95
N LYS A 226 -15.51 -15.81 -26.08
CA LYS A 226 -16.51 -15.33 -25.15
C LYS A 226 -16.31 -15.90 -23.74
N ASP A 227 -16.03 -17.21 -23.65
CA ASP A 227 -16.04 -17.87 -22.36
C ASP A 227 -14.74 -18.61 -22.03
N VAL A 228 -13.68 -18.43 -22.82
CA VAL A 228 -12.40 -19.02 -22.46
C VAL A 228 -11.82 -18.27 -21.26
N LYS A 229 -11.19 -19.03 -20.36
CA LYS A 229 -10.49 -18.46 -19.22
C LYS A 229 -9.03 -18.89 -19.28
N ILE A 230 -8.13 -17.96 -18.99
CA ILE A 230 -6.69 -18.21 -19.09
C ILE A 230 -6.08 -18.08 -17.70
N GLU A 231 -5.30 -19.08 -17.30
CA GLU A 231 -4.57 -19.05 -16.04
C GLU A 231 -3.11 -19.41 -16.31
N VAL A 232 -2.21 -18.70 -15.64
CA VAL A 232 -0.77 -18.92 -15.78
C VAL A 232 -0.23 -19.25 -14.40
N TYR A 233 0.43 -20.39 -14.27
CA TYR A 233 1.00 -20.85 -13.02
C TYR A 233 2.52 -20.86 -13.14
N LEU A 234 3.17 -20.06 -12.30
CA LEU A 234 4.63 -19.96 -12.28
C LEU A 234 5.15 -20.35 -10.91
N THR A 235 6.39 -20.81 -10.88
CA THR A 235 7.09 -21.12 -9.63
C THR A 235 8.46 -20.49 -9.66
N THR A 236 8.98 -20.18 -8.47
CA THR A 236 10.32 -19.64 -8.34
C THR A 236 11.29 -20.75 -7.93
N LYS A 237 12.58 -20.44 -8.05
CA LYS A 237 13.65 -21.42 -7.83
C LYS A 237 13.54 -22.13 -6.48
N GLU B 2 10.67 9.32 -16.49
CA GLU B 2 10.36 8.98 -15.11
C GLU B 2 8.94 9.39 -14.75
N VAL B 3 8.26 8.55 -13.96
CA VAL B 3 6.87 8.77 -13.62
C VAL B 3 6.76 9.75 -12.46
N GLN B 4 5.87 10.73 -12.60
CA GLN B 4 5.59 11.72 -11.58
C GLN B 4 4.09 11.78 -11.33
N LEU B 5 3.71 11.83 -10.05
CA LEU B 5 2.33 12.05 -9.65
C LEU B 5 2.28 13.25 -8.73
N VAL B 6 1.39 14.20 -9.02
CA VAL B 6 1.29 15.43 -8.25
C VAL B 6 -0.16 15.58 -7.79
N GLU B 7 -0.39 15.44 -6.49
CA GLU B 7 -1.72 15.62 -5.93
C GLU B 7 -1.98 17.09 -5.64
N SER B 8 -3.25 17.48 -5.73
CA SER B 8 -3.64 18.85 -5.44
C SER B 8 -5.14 18.88 -5.15
N GLY B 9 -5.61 20.05 -4.70
CA GLY B 9 -7.01 20.28 -4.42
C GLY B 9 -7.39 20.26 -2.95
N GLY B 10 -6.48 19.85 -2.06
CA GLY B 10 -6.83 19.76 -0.66
C GLY B 10 -6.94 21.13 0.01
N GLY B 11 -7.55 21.12 1.19
CA GLY B 11 -7.71 22.35 1.95
C GLY B 11 -8.66 22.14 3.12
N VAL B 12 -8.97 23.24 3.79
CA VAL B 12 -9.87 23.20 4.94
C VAL B 12 -11.31 23.20 4.43
N VAL B 13 -12.13 22.30 4.97
CA VAL B 13 -13.50 22.10 4.53
C VAL B 13 -14.39 21.95 5.75
N GLN B 14 -15.58 22.55 5.70
CA GLN B 14 -16.57 22.36 6.75
C GLN B 14 -17.22 20.98 6.61
N PRO B 15 -17.60 20.36 7.73
CA PRO B 15 -18.27 19.06 7.66
C PRO B 15 -19.56 19.13 6.85
N GLY B 16 -19.80 18.09 6.06
CA GLY B 16 -20.94 18.04 5.18
C GLY B 16 -20.73 18.66 3.81
N LYS B 17 -19.65 19.41 3.62
CA LYS B 17 -19.37 20.04 2.34
C LYS B 17 -18.59 19.09 1.45
N SER B 18 -18.27 19.54 0.23
N SER B 18 -18.27 19.54 0.24
CA SER B 18 -17.64 18.71 -0.77
CA SER B 18 -17.64 18.71 -0.77
C SER B 18 -16.31 19.29 -1.21
C SER B 18 -16.30 19.29 -1.20
N LEU B 19 -15.45 18.42 -1.73
CA LEU B 19 -14.14 18.81 -2.24
C LEU B 19 -13.74 17.83 -3.33
N ARG B 20 -13.01 18.33 -4.33
N ARG B 20 -13.04 18.34 -4.34
CA ARG B 20 -12.56 17.53 -5.47
CA ARG B 20 -12.57 17.53 -5.46
C ARG B 20 -11.05 17.56 -5.53
C ARG B 20 -11.04 17.56 -5.48
N LEU B 21 -10.43 16.39 -5.47
CA LEU B 21 -8.99 16.25 -5.53
C LEU B 21 -8.54 15.89 -6.94
N SER B 22 -7.32 16.29 -7.29
CA SER B 22 -6.76 16.02 -8.60
C SER B 22 -5.36 15.43 -8.45
N CYS B 23 -5.02 14.53 -9.37
CA CYS B 23 -3.70 13.91 -9.42
C CYS B 23 -3.21 13.99 -10.86
N ALA B 24 -2.29 14.91 -11.14
CA ALA B 24 -1.74 15.06 -12.48
C ALA B 24 -0.61 14.06 -12.69
N ALA B 25 -0.72 13.25 -13.73
CA ALA B 25 0.24 12.19 -14.00
C ALA B 25 1.07 12.53 -15.24
N SER B 26 2.33 12.11 -15.20
CA SER B 26 3.24 12.30 -16.33
C SER B 26 4.33 11.25 -16.27
N GLY B 27 5.02 11.07 -17.39
CA GLY B 27 6.09 10.11 -17.49
C GLY B 27 5.67 8.70 -17.87
N PHE B 28 4.39 8.47 -18.14
CA PHE B 28 3.92 7.17 -18.59
C PHE B 28 2.63 7.36 -19.37
N THR B 29 2.26 6.33 -20.12
CA THR B 29 1.00 6.33 -20.87
C THR B 29 -0.15 6.19 -19.89
N PHE B 30 -0.82 7.31 -19.61
CA PHE B 30 -1.80 7.36 -18.53
C PHE B 30 -2.92 6.34 -18.74
N SER B 31 -3.47 6.29 -19.95
CA SER B 31 -4.66 5.46 -20.21
C SER B 31 -4.37 3.97 -20.16
N ASN B 32 -3.11 3.55 -20.10
CA ASN B 32 -2.77 2.14 -20.01
C ASN B 32 -2.76 1.61 -18.58
N TYR B 33 -2.88 2.48 -17.58
CA TYR B 33 -2.63 2.09 -16.20
C TYR B 33 -3.82 2.44 -15.31
N GLY B 34 -4.19 1.52 -14.43
CA GLY B 34 -5.12 1.83 -13.37
C GLY B 34 -4.49 2.74 -12.33
N MET B 35 -5.34 3.38 -11.54
CA MET B 35 -4.89 4.35 -10.56
C MET B 35 -5.62 4.16 -9.24
N HIS B 36 -4.93 4.47 -8.15
CA HIS B 36 -5.44 4.28 -6.79
C HIS B 36 -5.35 5.58 -6.02
N TRP B 37 -6.23 5.72 -5.01
CA TRP B 37 -6.14 6.75 -4.00
C TRP B 37 -5.93 6.09 -2.64
N VAL B 38 -4.93 6.56 -1.90
N VAL B 38 -4.95 6.58 -1.89
CA VAL B 38 -4.68 6.11 -0.54
CA VAL B 38 -4.65 6.10 -0.54
C VAL B 38 -4.53 7.34 0.34
C VAL B 38 -4.48 7.32 0.36
N ARG B 39 -5.04 7.25 1.57
CA ARG B 39 -5.00 8.36 2.50
C ARG B 39 -4.42 7.93 3.83
N GLN B 40 -4.05 8.92 4.64
CA GLN B 40 -3.41 8.66 5.93
C GLN B 40 -3.76 9.80 6.87
N ALA B 41 -4.59 9.51 7.87
CA ALA B 41 -4.91 10.51 8.88
C ALA B 41 -3.67 10.80 9.72
N PRO B 42 -3.57 12.01 10.27
CA PRO B 42 -2.36 12.38 11.03
C PRO B 42 -2.10 11.40 12.18
N GLY B 43 -0.90 10.83 12.19
CA GLY B 43 -0.51 9.91 13.23
C GLY B 43 -1.08 8.52 13.14
N LYS B 44 -1.74 8.17 12.04
CA LYS B 44 -2.39 6.88 11.89
C LYS B 44 -1.83 6.15 10.67
N GLY B 45 -2.40 4.98 10.39
CA GLY B 45 -1.87 4.12 9.35
C GLY B 45 -2.43 4.39 7.97
N LEU B 46 -1.86 3.71 6.98
CA LEU B 46 -2.32 3.86 5.61
C LEU B 46 -3.71 3.25 5.44
N GLU B 47 -4.52 3.89 4.61
CA GLU B 47 -5.87 3.40 4.32
C GLU B 47 -6.18 3.61 2.85
N TRP B 48 -6.41 2.51 2.14
CA TRP B 48 -6.75 2.57 0.73
C TRP B 48 -8.16 3.11 0.54
N VAL B 49 -8.34 3.98 -0.45
CA VAL B 49 -9.59 4.70 -0.65
C VAL B 49 -10.35 4.17 -1.86
N ALA B 50 -9.71 4.15 -3.03
CA ALA B 50 -10.42 3.76 -4.23
C ALA B 50 -9.43 3.36 -5.31
N VAL B 51 -9.95 2.66 -6.33
CA VAL B 51 -9.22 2.33 -7.53
C VAL B 51 -10.13 2.54 -8.72
N ILE B 52 -9.56 3.01 -9.83
CA ILE B 52 -10.23 3.02 -11.12
C ILE B 52 -9.32 2.30 -12.11
N SER B 53 -9.88 1.35 -12.85
CA SER B 53 -9.09 0.54 -13.74
C SER B 53 -8.56 1.37 -14.91
N TYR B 54 -7.66 0.76 -15.67
CA TYR B 54 -7.00 1.48 -16.77
C TYR B 54 -8.01 2.00 -17.77
N ASP B 55 -9.09 1.25 -18.03
CA ASP B 55 -10.12 1.66 -18.97
C ASP B 55 -11.33 2.30 -18.31
N GLY B 56 -11.34 2.40 -16.98
CA GLY B 56 -12.43 3.06 -16.27
C GLY B 56 -13.64 2.19 -15.99
N SER B 57 -13.64 0.92 -16.41
CA SER B 57 -14.80 0.08 -16.21
C SER B 57 -14.94 -0.41 -14.78
N ASP B 58 -13.83 -0.60 -14.07
CA ASP B 58 -13.84 -1.01 -12.67
C ASP B 58 -13.62 0.20 -11.76
N LYS B 59 -14.51 0.39 -10.80
CA LYS B 59 -14.32 1.36 -9.73
C LYS B 59 -14.72 0.70 -8.42
N PHE B 60 -13.73 0.51 -7.54
CA PHE B 60 -13.97 -0.08 -6.23
C PHE B 60 -13.60 0.92 -5.14
N TYR B 61 -14.32 0.84 -4.03
CA TYR B 61 -14.19 1.82 -2.95
C TYR B 61 -14.03 1.12 -1.62
N ALA B 62 -13.36 1.79 -0.70
CA ALA B 62 -13.36 1.36 0.69
C ALA B 62 -14.75 1.56 1.28
N ASP B 63 -15.11 0.69 2.24
CA ASP B 63 -16.43 0.78 2.85
C ASP B 63 -16.65 2.12 3.55
N SER B 64 -15.58 2.70 4.10
CA SER B 64 -15.72 3.96 4.82
C SER B 64 -16.07 5.14 3.91
N VAL B 65 -15.86 5.01 2.61
CA VAL B 65 -16.10 6.10 1.66
C VAL B 65 -17.14 5.74 0.61
N LYS B 66 -17.65 4.51 0.61
CA LYS B 66 -18.63 4.11 -0.40
C LYS B 66 -19.90 4.94 -0.26
N GLY B 67 -20.39 5.44 -1.40
CA GLY B 67 -21.57 6.28 -1.42
C GLY B 67 -21.30 7.76 -1.21
N ARG B 68 -20.07 8.13 -0.86
CA ARG B 68 -19.69 9.52 -0.65
C ARG B 68 -18.59 9.97 -1.60
N PHE B 69 -17.65 9.09 -1.94
CA PHE B 69 -16.55 9.39 -2.83
C PHE B 69 -16.77 8.71 -4.17
N THR B 70 -16.28 9.34 -5.24
CA THR B 70 -16.30 8.74 -6.57
C THR B 70 -14.96 9.01 -7.26
N VAL B 71 -14.36 7.97 -7.83
CA VAL B 71 -13.15 8.13 -8.62
C VAL B 71 -13.57 8.40 -10.06
N SER B 72 -12.92 9.38 -10.67
CA SER B 72 -13.10 9.64 -12.10
C SER B 72 -11.73 9.83 -12.73
N ARG B 73 -11.73 9.95 -14.05
CA ARG B 73 -10.50 9.84 -14.81
C ARG B 73 -10.70 10.56 -16.13
N ASP B 74 -9.72 11.38 -16.52
CA ASP B 74 -9.78 12.04 -17.83
C ASP B 74 -8.45 11.81 -18.54
N THR B 75 -8.52 11.12 -19.67
CA THR B 75 -7.32 10.77 -20.43
C THR B 75 -6.68 12.01 -21.05
N SER B 76 -7.51 12.95 -21.52
CA SER B 76 -6.99 14.08 -22.27
C SER B 76 -6.07 14.96 -21.42
N LYS B 77 -6.45 15.24 -20.17
CA LYS B 77 -5.61 16.04 -19.29
C LYS B 77 -4.74 15.18 -18.36
N ASN B 78 -4.70 13.86 -18.57
CA ASN B 78 -3.81 12.98 -17.82
C ASN B 78 -4.00 13.13 -16.32
N THR B 79 -5.26 13.24 -15.90
CA THR B 79 -5.57 13.60 -14.52
C THR B 79 -6.51 12.57 -13.90
N LEU B 80 -6.18 12.16 -12.68
CA LEU B 80 -7.06 11.35 -11.85
C LEU B 80 -7.78 12.28 -10.87
N PHE B 81 -9.07 12.00 -10.64
CA PHE B 81 -9.88 12.82 -9.75
C PHE B 81 -10.47 11.98 -8.63
N LEU B 82 -10.76 12.65 -7.51
CA LEU B 82 -11.51 12.05 -6.42
C LEU B 82 -12.52 13.10 -5.93
N GLN B 83 -13.80 12.86 -6.23
CA GLN B 83 -14.87 13.74 -5.79
C GLN B 83 -15.35 13.27 -4.43
N MET B 84 -15.25 14.14 -3.42
CA MET B 84 -15.57 13.81 -2.04
C MET B 84 -16.80 14.60 -1.64
N ASN B 85 -17.85 13.90 -1.23
CA ASN B 85 -19.10 14.53 -0.80
C ASN B 85 -19.39 14.19 0.67
N SER B 86 -20.16 15.05 1.30
CA SER B 86 -20.55 14.93 2.71
C SER B 86 -19.34 14.58 3.57
N LEU B 87 -18.34 15.45 3.52
CA LEU B 87 -17.10 15.22 4.23
C LEU B 87 -17.32 15.28 5.74
N ILE B 88 -16.61 14.41 6.47
CA ILE B 88 -16.72 14.33 7.92
C ILE B 88 -15.32 14.50 8.51
N PRO B 89 -15.23 14.88 9.78
CA PRO B 89 -13.89 15.06 10.38
C PRO B 89 -13.00 13.84 10.29
N GLU B 90 -13.58 12.64 10.28
CA GLU B 90 -12.80 11.42 10.12
C GLU B 90 -12.16 11.31 8.74
N ASP B 91 -12.55 12.15 7.78
CA ASP B 91 -11.91 12.16 6.48
C ASP B 91 -10.63 12.99 6.44
N THR B 92 -10.29 13.68 7.53
CA THR B 92 -9.07 14.46 7.56
C THR B 92 -7.85 13.55 7.37
N ALA B 93 -7.06 13.83 6.34
CA ALA B 93 -5.93 12.97 5.99
C ALA B 93 -5.14 13.63 4.87
N VAL B 94 -3.91 13.16 4.68
CA VAL B 94 -3.14 13.43 3.48
C VAL B 94 -3.51 12.37 2.45
N TYR B 95 -3.87 12.80 1.25
CA TYR B 95 -4.34 11.89 0.21
C TYR B 95 -3.26 11.73 -0.85
N TYR B 96 -2.88 10.47 -1.11
CA TYR B 96 -1.86 10.14 -2.10
C TYR B 96 -2.51 9.39 -3.24
N CYS B 97 -2.10 9.68 -4.47
CA CYS B 97 -2.47 8.87 -5.60
C CYS B 97 -1.35 7.89 -5.92
N ALA B 98 -1.72 6.74 -6.47
CA ALA B 98 -0.77 5.69 -6.80
C ALA B 98 -1.18 5.05 -8.12
N LYS B 99 -0.19 4.65 -8.90
CA LYS B 99 -0.41 4.07 -10.22
C LYS B 99 -0.25 2.56 -10.19
N ASP B 100 -0.98 1.88 -11.07
CA ASP B 100 -0.77 0.46 -11.23
C ASP B 100 0.66 0.20 -11.67
N PRO B 101 1.33 -0.82 -11.11
CA PRO B 101 2.68 -1.14 -11.57
C PRO B 101 2.75 -1.54 -13.03
N TYR B 102 1.71 -2.20 -13.54
CA TYR B 102 1.72 -2.77 -14.88
C TYR B 102 0.47 -2.38 -15.64
N PRO B 103 0.53 -2.35 -16.96
CA PRO B 103 -0.64 -1.96 -17.75
C PRO B 103 -1.74 -3.02 -17.72
N SER B 104 -2.96 -2.55 -17.97
CA SER B 104 -4.12 -3.40 -18.24
C SER B 104 -4.45 -4.34 -17.09
N GLN B 105 -4.23 -3.91 -15.86
CA GLN B 105 -4.45 -4.79 -14.72
C GLN B 105 -5.91 -4.87 -14.32
N ARG B 106 -6.28 -6.02 -13.78
CA ARG B 106 -7.55 -6.25 -13.10
C ARG B 106 -7.26 -6.76 -11.69
N ALA B 107 -8.31 -6.86 -10.88
CA ALA B 107 -8.15 -7.38 -9.54
C ALA B 107 -7.61 -8.80 -9.60
N PRO B 108 -6.74 -9.20 -8.66
CA PRO B 108 -6.29 -8.48 -7.46
C PRO B 108 -5.14 -7.49 -7.70
N TRP B 109 -5.20 -6.32 -7.06
CA TRP B 109 -4.09 -5.39 -7.01
C TRP B 109 -3.33 -5.66 -5.72
N ASN B 110 -2.22 -6.39 -5.83
CA ASN B 110 -1.46 -6.76 -4.64
C ASN B 110 -0.38 -5.75 -4.28
N TRP B 111 -0.14 -4.75 -5.11
CA TRP B 111 0.64 -3.60 -4.69
C TRP B 111 0.31 -2.40 -5.56
N VAL B 112 0.63 -1.22 -5.02
CA VAL B 112 0.43 0.06 -5.68
C VAL B 112 1.73 0.85 -5.55
N ASP B 113 1.89 1.86 -6.39
CA ASP B 113 3.13 2.63 -6.48
C ASP B 113 2.85 4.11 -6.24
N PRO B 114 2.82 4.55 -4.98
CA PRO B 114 2.66 5.99 -4.70
C PRO B 114 3.96 6.73 -4.95
N ARG B 115 3.87 7.87 -5.64
CA ARG B 115 5.05 8.66 -5.96
C ARG B 115 4.97 10.13 -5.58
N GLY B 116 3.82 10.62 -5.11
CA GLY B 116 3.65 12.02 -4.82
C GLY B 116 3.85 12.35 -3.35
N GLN B 117 3.82 13.65 -3.07
CA GLN B 117 3.87 14.15 -1.70
C GLN B 117 2.49 14.23 -1.06
N GLY B 118 1.43 14.01 -1.81
CA GLY B 118 0.08 14.02 -1.27
C GLY B 118 -0.47 15.42 -1.13
N THR B 119 -1.77 15.48 -0.85
CA THR B 119 -2.45 16.74 -0.59
C THR B 119 -3.29 16.59 0.67
N LEU B 120 -3.24 17.60 1.52
CA LEU B 120 -3.89 17.55 2.82
C LEU B 120 -5.29 18.15 2.73
N VAL B 121 -6.27 17.40 3.23
CA VAL B 121 -7.63 17.90 3.40
C VAL B 121 -7.96 17.84 4.88
N THR B 122 -8.52 18.94 5.40
CA THR B 122 -8.84 19.08 6.81
C THR B 122 -10.33 19.40 6.92
N VAL B 123 -11.09 18.50 7.52
CA VAL B 123 -12.52 18.68 7.70
C VAL B 123 -12.75 19.06 9.15
N SER B 124 -13.07 20.33 9.39
CA SER B 124 -13.26 20.83 10.74
C SER B 124 -14.27 21.97 10.73
N SER B 125 -15.10 22.02 11.77
CA SER B 125 -16.03 23.11 11.99
C SER B 125 -15.48 24.16 12.95
N ALA B 126 -14.25 24.00 13.41
CA ALA B 126 -13.67 24.89 14.41
C ALA B 126 -13.36 26.26 13.81
N SER B 127 -13.54 27.29 14.62
CA SER B 127 -13.21 28.66 14.28
C SER B 127 -12.23 29.21 15.31
N THR B 128 -11.66 30.36 14.99
CA THR B 128 -10.65 30.97 15.86
C THR B 128 -11.20 31.17 17.26
N LYS B 129 -10.43 30.71 18.25
CA LYS B 129 -10.88 30.74 19.64
C LYS B 129 -9.67 30.82 20.55
N GLY B 130 -9.73 31.71 21.53
CA GLY B 130 -8.68 31.83 22.52
C GLY B 130 -8.80 30.78 23.60
N PRO B 131 -7.68 30.44 24.22
CA PRO B 131 -7.70 29.38 25.24
C PRO B 131 -8.10 29.89 26.62
N SER B 132 -8.62 28.97 27.41
CA SER B 132 -8.71 29.16 28.86
C SER B 132 -7.45 28.58 29.49
N VAL B 133 -6.90 29.30 30.46
CA VAL B 133 -5.63 28.94 31.07
C VAL B 133 -5.89 28.62 32.54
N PHE B 134 -5.62 27.37 32.93
CA PHE B 134 -5.84 26.91 34.29
C PHE B 134 -4.51 26.53 34.93
N PRO B 135 -4.31 26.87 36.20
CA PRO B 135 -3.05 26.50 36.88
C PRO B 135 -3.06 25.04 37.32
N LEU B 136 -1.92 24.38 37.11
CA LEU B 136 -1.69 23.03 37.62
C LEU B 136 -0.79 23.18 38.85
N ALA B 137 -1.43 23.18 40.02
CA ALA B 137 -0.75 23.55 41.25
C ALA B 137 0.14 22.42 41.77
N PRO B 138 1.21 22.76 42.51
CA PRO B 138 2.07 21.72 43.07
C PRO B 138 1.34 20.89 44.11
N SER B 139 1.84 19.68 44.32
CA SER B 139 1.21 18.76 45.25
C SER B 139 1.15 19.34 46.65
N SER B 140 0.02 19.15 47.33
CA SER B 140 -0.23 19.85 48.58
C SER B 140 0.67 19.34 49.71
N LYS B 141 0.52 18.07 50.07
CA LYS B 141 1.34 17.47 51.12
C LYS B 141 2.43 16.57 50.58
N SER B 142 2.26 16.02 49.37
CA SER B 142 3.20 15.04 48.82
C SER B 142 4.48 15.77 48.41
N THR B 143 5.32 16.05 49.40
CA THR B 143 6.69 16.51 49.15
C THR B 143 7.56 15.29 48.85
N SER B 144 7.31 14.73 47.67
CA SER B 144 7.97 13.48 47.25
C SER B 144 9.37 13.80 46.73
N GLY B 145 10.23 14.19 47.67
CA GLY B 145 11.59 14.58 47.37
C GLY B 145 11.84 16.04 47.73
N GLY B 146 12.82 16.62 47.04
CA GLY B 146 13.12 18.03 47.18
C GLY B 146 12.63 18.90 46.05
N THR B 147 11.85 18.36 45.12
CA THR B 147 11.42 19.08 43.93
C THR B 147 9.94 18.85 43.70
N ALA B 148 9.29 19.81 43.05
CA ALA B 148 7.86 19.76 42.81
C ALA B 148 7.56 20.21 41.39
N ALA B 149 6.47 19.67 40.84
CA ALA B 149 6.04 19.96 39.48
C ALA B 149 4.78 20.80 39.52
N LEU B 150 4.78 21.90 38.76
CA LEU B 150 3.61 22.75 38.60
C LEU B 150 3.51 23.12 37.13
N GLY B 151 2.33 23.55 36.71
CA GLY B 151 2.16 23.84 35.31
C GLY B 151 0.95 24.68 34.99
N CYS B 152 0.64 24.75 33.70
CA CYS B 152 -0.53 25.46 33.19
C CYS B 152 -1.21 24.59 32.15
N LEU B 153 -2.52 24.47 32.24
CA LEU B 153 -3.33 23.81 31.22
C LEU B 153 -3.89 24.87 30.29
N VAL B 154 -3.53 24.78 29.01
CA VAL B 154 -3.96 25.74 28.00
C VAL B 154 -5.03 25.02 27.18
N LYS B 155 -6.29 25.41 27.38
CA LYS B 155 -7.43 24.58 27.03
C LYS B 155 -8.28 25.22 25.93
N ASP B 156 -8.63 24.43 24.92
CA ASP B 156 -9.69 24.74 23.96
C ASP B 156 -9.40 26.01 23.16
N TYR B 157 -8.34 25.95 22.37
CA TYR B 157 -7.99 27.03 21.46
C TYR B 157 -7.91 26.52 20.02
N PHE B 158 -8.02 27.46 19.07
CA PHE B 158 -7.89 27.17 17.66
C PHE B 158 -7.58 28.47 16.94
N PRO B 159 -6.68 28.47 15.95
CA PRO B 159 -5.83 27.35 15.51
C PRO B 159 -4.50 27.33 16.21
N GLU B 160 -3.57 26.49 15.76
CA GLU B 160 -2.21 26.54 16.22
C GLU B 160 -1.54 27.81 15.71
N PRO B 161 -0.48 28.28 16.38
CA PRO B 161 0.15 27.75 17.58
C PRO B 161 -0.09 28.57 18.84
N VAL B 162 0.34 28.02 19.99
CA VAL B 162 0.39 28.74 21.25
C VAL B 162 1.81 28.64 21.79
N THR B 163 2.32 29.75 22.31
CA THR B 163 3.64 29.79 22.94
C THR B 163 3.47 29.93 24.44
N VAL B 164 4.33 29.26 25.21
CA VAL B 164 4.32 29.31 26.66
C VAL B 164 5.74 29.56 27.16
N SER B 165 5.90 30.56 28.01
CA SER B 165 7.12 30.78 28.77
C SER B 165 6.75 30.87 30.25
N TRP B 166 7.76 30.98 31.10
CA TRP B 166 7.54 31.04 32.54
C TRP B 166 8.29 32.22 33.13
N ASN B 167 7.60 32.96 34.00
CA ASN B 167 8.16 34.13 34.69
C ASN B 167 8.78 35.10 33.69
N SER B 168 8.06 35.34 32.59
CA SER B 168 8.48 36.27 31.53
C SER B 168 9.86 35.91 30.98
N GLY B 169 10.13 34.60 30.89
CA GLY B 169 11.38 34.13 30.34
C GLY B 169 12.52 34.00 31.33
N ALA B 170 12.33 34.46 32.56
CA ALA B 170 13.39 34.34 33.56
C ALA B 170 13.58 32.89 34.01
N LEU B 171 12.59 32.03 33.81
CA LEU B 171 12.63 30.63 34.23
C LEU B 171 12.56 29.76 32.98
N THR B 172 13.68 29.16 32.61
CA THR B 172 13.74 28.25 31.47
C THR B 172 14.24 26.85 31.82
N SER B 173 15.04 26.72 32.87
CA SER B 173 15.52 25.40 33.28
C SER B 173 14.38 24.58 33.87
N GLY B 174 14.30 23.32 33.45
CA GLY B 174 13.28 22.42 33.95
C GLY B 174 11.90 22.61 33.35
N VAL B 175 11.78 23.42 32.31
CA VAL B 175 10.49 23.68 31.67
C VAL B 175 10.30 22.69 30.52
N HIS B 176 9.16 22.01 30.51
CA HIS B 176 8.78 21.14 29.42
C HIS B 176 7.36 21.51 28.97
N THR B 177 7.25 22.08 27.79
CA THR B 177 5.96 22.38 27.17
C THR B 177 5.63 21.27 26.18
N PHE B 178 4.44 20.67 26.32
CA PHE B 178 4.15 19.50 25.52
C PHE B 178 3.39 19.87 24.25
N PRO B 179 3.54 19.07 23.19
CA PRO B 179 2.72 19.30 21.99
C PRO B 179 1.24 19.14 22.29
N ALA B 180 0.43 19.87 21.53
CA ALA B 180 -0.99 19.94 21.80
C ALA B 180 -1.71 18.67 21.33
N VAL B 181 -2.85 18.40 21.95
CA VAL B 181 -3.76 17.34 21.53
C VAL B 181 -4.91 17.97 20.76
N LEU B 182 -5.35 17.29 19.71
CA LEU B 182 -6.52 17.71 18.94
C LEU B 182 -7.72 16.90 19.44
N GLN B 183 -8.67 17.58 20.07
CA GLN B 183 -9.82 16.93 20.64
C GLN B 183 -10.89 16.68 19.57
N SER B 184 -11.85 15.83 19.92
CA SER B 184 -12.95 15.53 19.00
C SER B 184 -13.79 16.77 18.70
N SER B 185 -13.70 17.81 19.54
CA SER B 185 -14.39 19.06 19.29
C SER B 185 -13.75 19.89 18.19
N GLY B 186 -12.58 19.50 17.71
CA GLY B 186 -11.83 20.30 16.75
C GLY B 186 -10.93 21.34 17.37
N LEU B 187 -10.89 21.43 18.70
CA LEU B 187 -10.09 22.41 19.41
C LEU B 187 -8.86 21.74 20.02
N TYR B 188 -7.81 22.54 20.20
CA TYR B 188 -6.55 22.05 20.75
C TYR B 188 -6.46 22.35 22.24
N SER B 189 -5.73 21.49 22.95
CA SER B 189 -5.34 21.75 24.33
C SER B 189 -3.88 21.37 24.50
N LEU B 190 -3.19 22.11 25.36
CA LEU B 190 -1.76 21.92 25.56
C LEU B 190 -1.43 22.14 27.02
N SER B 191 -0.30 21.58 27.45
CA SER B 191 0.14 21.70 28.83
C SER B 191 1.62 22.02 28.88
N SER B 192 2.01 22.87 29.82
CA SER B 192 3.40 23.19 30.11
C SER B 192 3.65 22.94 31.59
N VAL B 193 4.78 22.32 31.90
CA VAL B 193 5.12 21.96 33.26
C VAL B 193 6.56 22.37 33.54
N VAL B 194 6.81 22.84 34.76
CA VAL B 194 8.14 23.21 35.21
C VAL B 194 8.38 22.54 36.55
N THR B 195 9.59 22.00 36.73
CA THR B 195 9.99 21.35 37.97
C THR B 195 10.86 22.31 38.77
N VAL B 196 10.47 22.58 40.01
CA VAL B 196 11.09 23.62 40.82
C VAL B 196 11.44 23.05 42.17
N PRO B 197 12.41 23.64 42.87
CA PRO B 197 12.71 23.21 44.25
C PRO B 197 11.48 23.40 45.14
N SER B 198 11.16 22.35 45.92
CA SER B 198 9.97 22.39 46.76
C SER B 198 10.10 23.42 47.88
N SER B 199 11.33 23.73 48.30
CA SER B 199 11.54 24.71 49.35
C SER B 199 11.19 26.13 48.91
N SER B 200 11.23 26.41 47.61
CA SER B 200 10.99 27.74 47.07
C SER B 200 9.53 28.00 46.77
N LEU B 201 8.63 27.05 47.05
CA LEU B 201 7.22 27.24 46.76
C LEU B 201 6.62 28.39 47.55
N GLY B 202 7.02 28.51 48.83
CA GLY B 202 6.49 29.59 49.65
C GLY B 202 6.93 30.96 49.19
N THR B 203 8.17 31.08 48.73
CA THR B 203 8.76 32.38 48.41
C THR B 203 8.55 32.75 46.93
N GLN B 204 9.04 31.91 46.03
CA GLN B 204 9.07 32.26 44.62
C GLN B 204 7.67 32.23 44.01
N THR B 205 7.33 33.26 43.24
CA THR B 205 6.11 33.30 42.48
C THR B 205 6.34 32.71 41.09
N TYR B 206 5.39 31.92 40.62
CA TYR B 206 5.49 31.26 39.32
C TYR B 206 4.31 31.69 38.46
N ILE B 207 4.62 32.23 37.28
CA ILE B 207 3.62 32.72 36.34
C ILE B 207 3.94 32.14 34.97
N CYS B 208 2.93 31.54 34.34
CA CYS B 208 3.07 31.04 32.97
C CYS B 208 2.52 32.09 32.00
N ASN B 209 3.31 32.40 30.98
CA ASN B 209 2.96 33.43 30.01
C ASN B 209 2.49 32.74 28.73
N VAL B 210 1.20 32.84 28.45
CA VAL B 210 0.58 32.15 27.33
C VAL B 210 0.21 33.18 26.27
N ASN B 211 0.61 32.92 25.03
CA ASN B 211 0.31 33.80 23.91
C ASN B 211 -0.34 33.00 22.80
N HIS B 212 -1.54 33.41 22.38
CA HIS B 212 -2.24 32.84 21.23
C HIS B 212 -2.52 34.02 20.29
N LYS B 213 -1.57 34.31 19.42
CA LYS B 213 -1.71 35.45 18.51
C LYS B 213 -2.95 35.42 17.63
N PRO B 214 -3.38 34.29 17.05
CA PRO B 214 -4.55 34.34 16.16
C PRO B 214 -5.81 34.89 16.82
N SER B 215 -5.97 34.73 18.13
CA SER B 215 -7.15 35.22 18.83
C SER B 215 -6.85 36.45 19.67
N ASN B 216 -5.67 37.05 19.53
CA ASN B 216 -5.26 38.22 20.32
C ASN B 216 -5.35 37.94 21.80
N THR B 217 -5.03 36.71 22.20
CA THR B 217 -5.07 36.28 23.59
C THR B 217 -3.65 36.20 24.13
N LYS B 218 -3.38 36.97 25.18
CA LYS B 218 -2.06 36.98 25.83
C LYS B 218 -2.31 37.08 27.32
N VAL B 219 -2.05 35.99 28.04
CA VAL B 219 -2.44 35.85 29.44
C VAL B 219 -1.22 35.44 30.26
N ASP B 220 -1.01 36.12 31.38
CA ASP B 220 -0.04 35.72 32.40
C ASP B 220 -0.83 35.17 33.59
N LYS B 221 -0.75 33.86 33.80
CA LYS B 221 -1.53 33.19 34.84
C LYS B 221 -0.61 32.81 36.00
N ARG B 222 -0.93 33.31 37.19
CA ARG B 222 -0.19 32.97 38.39
C ARG B 222 -0.59 31.58 38.88
N VAL B 223 0.40 30.74 39.15
CA VAL B 223 0.19 29.40 39.65
C VAL B 223 0.65 29.36 41.10
N GLU B 224 -0.28 29.11 42.01
CA GLU B 224 -0.01 29.12 43.43
C GLU B 224 -0.32 27.75 44.04
N PRO B 225 0.33 27.41 45.15
CA PRO B 225 0.03 26.14 45.82
C PRO B 225 -1.39 26.13 46.38
N LYS B 226 -1.96 24.94 46.46
CA LYS B 226 -3.31 24.74 46.99
C LYS B 226 -3.23 24.37 48.47
N SER B 227 -4.07 25.03 49.27
CA SER B 227 -4.18 24.74 50.71
C SER B 227 -2.82 24.82 51.41
N GLN C 2 -9.74 -3.61 14.46
CA GLN C 2 -8.87 -2.48 14.17
C GLN C 2 -8.36 -2.51 12.73
N SER C 3 -7.37 -3.36 12.48
CA SER C 3 -6.71 -3.44 11.18
C SER C 3 -6.91 -4.83 10.60
N VAL C 4 -7.14 -4.89 9.28
CA VAL C 4 -7.43 -6.15 8.62
C VAL C 4 -6.21 -7.07 8.66
N LEU C 5 -5.03 -6.52 8.36
CA LEU C 5 -3.78 -7.23 8.51
C LEU C 5 -3.13 -6.84 9.83
N THR C 6 -2.41 -7.79 10.43
CA THR C 6 -1.86 -7.62 11.77
C THR C 6 -0.35 -7.69 11.73
N GLN C 7 0.30 -6.65 12.24
CA GLN C 7 1.74 -6.58 12.42
C GLN C 7 2.03 -5.99 13.79
N PRO C 8 3.21 -6.25 14.37
CA PRO C 8 3.52 -5.70 15.68
C PRO C 8 3.58 -4.19 15.64
N PRO C 9 3.19 -3.51 16.72
CA PRO C 9 3.25 -2.04 16.72
C PRO C 9 4.66 -1.47 16.57
N SER C 10 5.69 -2.15 17.07
CA SER C 10 7.03 -1.58 17.02
C SER C 10 8.08 -2.68 17.11
N VAL C 11 9.28 -2.35 16.62
CA VAL C 11 10.45 -3.21 16.71
C VAL C 11 11.69 -2.31 16.74
N SER C 12 12.77 -2.81 17.35
CA SER C 12 13.98 -2.00 17.47
C SER C 12 15.20 -2.88 17.58
N ALA C 13 16.34 -2.35 17.10
CA ALA C 13 17.63 -3.00 17.25
C ALA C 13 18.73 -1.97 16.99
N ALA C 14 19.95 -2.33 17.35
CA ALA C 14 21.09 -1.46 17.19
C ALA C 14 21.54 -1.41 15.72
N PRO C 15 22.28 -0.38 15.33
CA PRO C 15 22.83 -0.36 13.97
C PRO C 15 23.72 -1.57 13.71
N GLY C 16 23.62 -2.11 12.50
CA GLY C 16 24.34 -3.31 12.13
C GLY C 16 23.63 -4.60 12.46
N GLN C 17 22.61 -4.56 13.31
CA GLN C 17 21.85 -5.76 13.66
C GLN C 17 20.79 -6.04 12.59
N LYS C 18 20.01 -7.09 12.80
CA LYS C 18 18.95 -7.46 11.89
C LYS C 18 17.63 -7.58 12.64
N VAL C 19 16.53 -7.26 11.94
CA VAL C 19 15.19 -7.37 12.49
C VAL C 19 14.28 -8.04 11.46
N THR C 20 13.18 -8.59 11.96
CA THR C 20 12.10 -9.08 11.14
C THR C 20 10.79 -8.44 11.59
N ILE C 21 9.89 -8.23 10.64
CA ILE C 21 8.55 -7.71 10.91
C ILE C 21 7.54 -8.67 10.31
N SER C 22 6.67 -9.22 11.14
CA SER C 22 5.70 -10.20 10.69
C SER C 22 4.40 -9.50 10.27
N CYS C 23 3.65 -10.20 9.42
CA CYS C 23 2.38 -9.68 8.91
C CYS C 23 1.48 -10.87 8.64
N SER C 24 0.31 -10.91 9.27
CA SER C 24 -0.58 -12.07 9.21
C SER C 24 -1.98 -11.63 8.82
N GLY C 25 -2.69 -12.51 8.11
CA GLY C 25 -4.02 -12.20 7.60
C GLY C 25 -4.93 -13.41 7.51
N ASN C 26 -5.87 -13.34 6.57
CA ASN C 26 -6.92 -14.32 6.39
C ASN C 26 -6.71 -15.13 5.12
N SER C 27 -7.58 -16.13 4.93
CA SER C 27 -7.66 -16.81 3.65
C SER C 27 -8.13 -15.86 2.55
N SER C 28 -8.79 -14.77 2.92
CA SER C 28 -9.33 -13.84 1.93
C SER C 28 -8.29 -12.87 1.40
N ASN C 29 -7.22 -12.58 2.14
CA ASN C 29 -6.17 -11.70 1.65
C ASN C 29 -4.80 -12.36 1.55
N ILE C 30 -4.21 -12.82 2.65
CA ILE C 30 -2.80 -13.22 2.59
C ILE C 30 -2.66 -14.68 2.17
N GLY C 31 -3.59 -15.54 2.58
CA GLY C 31 -3.59 -16.91 2.10
C GLY C 31 -3.94 -17.06 0.64
N GLN C 32 -4.31 -15.96 -0.02
CA GLN C 32 -4.68 -15.96 -1.44
C GLN C 32 -3.69 -15.22 -2.32
N ASN C 33 -3.08 -14.15 -1.83
CA ASN C 33 -2.40 -13.17 -2.66
C ASN C 33 -0.94 -13.00 -2.21
N HIS C 34 -0.11 -12.55 -3.15
CA HIS C 34 1.19 -12.05 -2.77
C HIS C 34 1.05 -10.69 -2.06
N VAL C 35 2.05 -10.36 -1.25
N VAL C 35 2.05 -10.36 -1.26
CA VAL C 35 1.98 -9.19 -0.41
CA VAL C 35 2.00 -9.22 -0.36
C VAL C 35 3.07 -8.21 -0.83
C VAL C 35 3.11 -8.23 -0.73
N SER C 36 2.88 -6.95 -0.43
CA SER C 36 3.86 -5.91 -0.66
C SER C 36 4.13 -5.16 0.64
N TRP C 37 5.28 -4.51 0.71
CA TRP C 37 5.68 -3.74 1.88
C TRP C 37 5.99 -2.30 1.48
N TYR C 38 5.69 -1.38 2.40
CA TYR C 38 5.90 0.03 2.17
C TYR C 38 6.58 0.62 3.38
N GLN C 39 7.57 1.49 3.15
CA GLN C 39 8.24 2.20 4.22
C GLN C 39 7.94 3.70 4.12
N GLN C 40 7.76 4.32 5.27
CA GLN C 40 7.45 5.74 5.36
C GLN C 40 8.39 6.36 6.38
N VAL C 41 9.41 7.06 5.90
CA VAL C 41 10.32 7.80 6.78
C VAL C 41 9.53 8.90 7.49
N PRO C 42 9.79 9.17 8.77
CA PRO C 42 8.98 10.16 9.50
C PRO C 42 8.82 11.47 8.76
N GLY C 43 7.57 11.87 8.55
CA GLY C 43 7.24 13.13 7.90
C GLY C 43 7.29 13.10 6.38
N LYS C 44 7.52 11.95 5.78
CA LYS C 44 7.64 11.83 4.33
C LYS C 44 6.53 10.94 3.79
N ALA C 45 6.49 10.76 2.46
CA ALA C 45 5.46 9.97 1.82
C ALA C 45 5.81 8.48 1.84
N PRO C 46 4.81 7.60 1.82
CA PRO C 46 5.09 6.17 1.70
C PRO C 46 5.62 5.82 0.31
N LYS C 47 6.48 4.80 0.28
CA LYS C 47 6.98 4.28 -0.98
C LYS C 47 7.07 2.76 -0.91
N VAL C 48 6.98 2.12 -2.07
CA VAL C 48 7.05 0.67 -2.15
C VAL C 48 8.45 0.20 -1.77
N LEU C 49 8.50 -0.80 -0.90
CA LEU C 49 9.75 -1.40 -0.46
C LEU C 49 9.93 -2.82 -0.96
N ILE C 50 8.85 -3.62 -0.94
CA ILE C 50 8.87 -4.99 -1.41
C ILE C 50 7.56 -5.22 -2.18
N TYR C 51 7.63 -5.99 -3.26
CA TYR C 51 6.43 -6.43 -3.95
C TYR C 51 6.61 -7.88 -4.36
N ASP C 52 5.49 -8.53 -4.68
CA ASP C 52 5.45 -9.96 -5.01
C ASP C 52 6.10 -10.79 -3.90
N THR C 53 5.98 -10.28 -2.67
CA THR C 53 6.39 -10.90 -1.40
C THR C 53 7.90 -10.95 -1.23
N LYS C 54 8.65 -10.82 -2.31
CA LYS C 54 10.10 -10.92 -2.19
C LYS C 54 10.88 -9.99 -3.12
N GLU C 55 10.25 -9.36 -4.09
CA GLU C 55 10.96 -8.58 -5.09
C GLU C 55 11.22 -7.17 -4.58
N ARG C 56 12.37 -6.63 -4.97
CA ARG C 56 12.75 -5.28 -4.59
C ARG C 56 12.65 -4.35 -5.79
N PRO C 57 11.98 -3.20 -5.66
CA PRO C 57 12.04 -2.19 -6.71
C PRO C 57 13.44 -1.63 -6.83
N SER C 58 13.72 -1.04 -7.98
CA SER C 58 15.04 -0.45 -8.22
C SER C 58 15.35 0.61 -7.16
N GLY C 59 16.57 0.56 -6.63
CA GLY C 59 17.01 1.47 -5.60
C GLY C 59 16.91 0.94 -4.18
N ILE C 60 16.20 -0.16 -3.97
CA ILE C 60 16.07 -0.78 -2.65
C ILE C 60 17.18 -1.82 -2.51
N PRO C 61 18.09 -1.66 -1.55
CA PRO C 61 19.22 -2.58 -1.44
C PRO C 61 18.80 -3.95 -0.95
N ASP C 62 19.65 -4.94 -1.20
CA ASP C 62 19.36 -6.31 -0.81
C ASP C 62 19.45 -6.55 0.70
N ARG C 63 19.70 -5.50 1.49
CA ARG C 63 19.51 -5.62 2.93
C ARG C 63 18.06 -5.92 3.28
N PHE C 64 17.13 -5.49 2.43
CA PHE C 64 15.71 -5.75 2.62
C PHE C 64 15.32 -7.02 1.87
N SER C 65 14.58 -7.90 2.54
CA SER C 65 14.15 -9.15 1.94
C SER C 65 12.74 -9.48 2.42
N GLY C 66 12.06 -10.35 1.68
CA GLY C 66 10.73 -10.77 2.03
C GLY C 66 10.60 -12.28 1.96
N SER C 67 9.67 -12.80 2.77
CA SER C 67 9.47 -14.25 2.87
C SER C 67 8.04 -14.52 3.28
N ARG C 68 7.61 -15.76 3.04
CA ARG C 68 6.25 -16.19 3.29
C ARG C 68 6.25 -17.47 4.10
N SER C 69 5.34 -17.57 5.09
CA SER C 69 5.12 -18.81 5.83
C SER C 69 3.61 -18.94 6.08
N GLY C 70 2.93 -19.64 5.17
CA GLY C 70 1.52 -19.91 5.33
C GLY C 70 0.63 -18.69 5.17
N THR C 71 -0.11 -18.34 6.23
CA THR C 71 -0.98 -17.18 6.25
C THR C 71 -0.28 -15.93 6.75
N SER C 72 1.04 -16.00 6.95
CA SER C 72 1.83 -14.87 7.41
C SER C 72 3.01 -14.64 6.47
N VAL C 73 3.46 -13.38 6.40
CA VAL C 73 4.61 -13.00 5.62
C VAL C 73 5.54 -12.20 6.52
N THR C 74 6.80 -12.12 6.11
CA THR C 74 7.84 -11.50 6.93
C THR C 74 8.72 -10.61 6.09
N LEU C 75 9.04 -9.43 6.63
CA LEU C 75 10.02 -8.53 6.05
C LEU C 75 11.29 -8.57 6.90
N GLY C 76 12.43 -8.77 6.25
CA GLY C 76 13.71 -8.85 6.93
C GLY C 76 14.61 -7.69 6.55
N ILE C 77 15.25 -7.09 7.56
CA ILE C 77 16.18 -5.99 7.36
C ILE C 77 17.48 -6.35 8.08
N THR C 78 18.56 -6.47 7.33
CA THR C 78 19.88 -6.74 7.90
C THR C 78 20.76 -5.51 7.76
N GLY C 79 21.82 -5.47 8.58
CA GLY C 79 22.75 -4.37 8.54
C GLY C 79 22.06 -3.04 8.79
N LEU C 80 21.24 -2.99 9.84
CA LEU C 80 20.38 -1.84 10.09
C LEU C 80 21.17 -0.55 10.10
N GLN C 81 20.65 0.45 9.41
CA GLN C 81 21.24 1.77 9.34
C GLN C 81 20.24 2.79 9.88
N THR C 82 20.76 3.91 10.38
CA THR C 82 19.89 4.92 10.99
C THR C 82 18.82 5.40 10.01
N GLY C 83 19.13 5.44 8.71
CA GLY C 83 18.15 5.80 7.72
C GLY C 83 17.00 4.82 7.58
N ASP C 84 17.15 3.60 8.12
CA ASP C 84 16.06 2.63 8.10
C ASP C 84 14.96 2.93 9.10
N GLU C 85 15.20 3.83 10.06
CA GLU C 85 14.16 4.22 11.01
C GLU C 85 12.97 4.80 10.27
N ALA C 86 11.83 4.11 10.37
CA ALA C 86 10.64 4.46 9.60
C ALA C 86 9.49 3.60 10.10
N ASP C 87 8.30 3.88 9.55
CA ASP C 87 7.13 3.03 9.72
C ASP C 87 6.99 2.10 8.53
N TYR C 88 6.69 0.84 8.79
CA TYR C 88 6.61 -0.17 7.75
C TYR C 88 5.22 -0.76 7.70
N TYR C 89 4.66 -0.85 6.50
CA TYR C 89 3.30 -1.34 6.28
C TYR C 89 3.34 -2.49 5.28
N CYS C 90 2.62 -3.57 5.59
CA CYS C 90 2.36 -4.62 4.62
C CYS C 90 1.00 -4.37 3.97
N GLY C 91 0.87 -4.81 2.73
CA GLY C 91 -0.37 -4.59 2.00
C GLY C 91 -0.64 -5.72 1.02
N THR C 92 -1.91 -5.92 0.73
CA THR C 92 -2.35 -6.95 -0.21
C THR C 92 -3.82 -6.71 -0.55
N TRP C 93 -4.28 -7.40 -1.58
CA TRP C 93 -5.69 -7.37 -1.97
C TRP C 93 -6.50 -8.28 -1.07
N ASP C 94 -7.71 -7.83 -0.72
CA ASP C 94 -8.68 -8.65 0.01
C ASP C 94 -9.86 -8.88 -0.92
N SER C 95 -10.04 -10.13 -1.34
CA SER C 95 -11.11 -10.45 -2.28
C SER C 95 -12.48 -10.43 -1.64
N ARG C 96 -12.57 -10.57 -0.32
CA ARG C 96 -13.85 -10.45 0.35
C ARG C 96 -14.31 -8.99 0.39
N LEU C 97 -13.39 -8.06 0.65
CA LEU C 97 -13.70 -6.65 0.71
C LEU C 97 -13.59 -5.94 -0.63
N SER C 98 -12.98 -6.58 -1.62
CA SER C 98 -12.66 -5.93 -2.91
C SER C 98 -11.92 -4.62 -2.68
N ALA C 99 -10.83 -4.74 -1.92
CA ALA C 99 -10.04 -3.59 -1.50
C ALA C 99 -8.63 -4.06 -1.21
N VAL C 100 -7.68 -3.14 -1.36
CA VAL C 100 -6.34 -3.38 -0.85
C VAL C 100 -6.33 -2.98 0.61
N VAL C 101 -5.82 -3.88 1.45
CA VAL C 101 -5.82 -3.70 2.90
C VAL C 101 -4.40 -3.58 3.37
N PHE C 102 -4.18 -2.73 4.37
CA PHE C 102 -2.86 -2.54 4.96
C PHE C 102 -2.86 -3.05 6.39
N GLY C 103 -1.68 -3.40 6.87
CA GLY C 103 -1.49 -3.61 8.28
C GLY C 103 -1.53 -2.28 9.02
N GLY C 104 -1.54 -2.37 10.35
CA GLY C 104 -1.55 -1.16 11.15
C GLY C 104 -0.24 -0.42 11.17
N GLY C 105 0.81 -1.00 10.63
CA GLY C 105 2.12 -0.37 10.60
C GLY C 105 2.97 -0.77 11.78
N THR C 106 4.28 -0.87 11.52
CA THR C 106 5.25 -1.18 12.55
C THR C 106 6.29 -0.07 12.59
N LYS C 107 6.50 0.50 13.77
CA LYS C 107 7.51 1.54 13.96
C LYS C 107 8.84 0.86 14.27
N LEU C 108 9.82 1.08 13.40
CA LEU C 108 11.16 0.54 13.61
C LEU C 108 12.07 1.65 14.14
N THR C 109 12.70 1.39 15.28
CA THR C 109 13.68 2.29 15.87
C THR C 109 15.06 1.68 15.75
N VAL C 110 16.02 2.44 15.25
CA VAL C 110 17.41 2.03 15.23
C VAL C 110 18.06 2.58 16.49
N LEU C 111 18.36 1.70 17.44
CA LEU C 111 18.71 2.11 18.79
C LEU C 111 20.02 2.89 18.81
N GLY C 112 19.97 4.11 19.33
CA GLY C 112 21.16 4.94 19.43
C GLY C 112 21.49 5.34 20.84
N GLN C 113 20.75 4.80 21.81
CA GLN C 113 20.98 5.04 23.23
C GLN C 113 20.23 4.00 24.04
N PRO C 114 20.48 3.87 25.35
CA PRO C 114 19.74 2.88 26.15
C PRO C 114 18.24 3.16 26.14
N LYS C 115 17.46 2.09 26.21
CA LYS C 115 16.02 2.22 26.37
C LYS C 115 15.70 2.90 27.69
N ALA C 116 14.66 3.75 27.67
CA ALA C 116 14.31 4.56 28.84
C ALA C 116 12.82 4.46 29.10
N ALA C 117 12.46 4.10 30.33
CA ALA C 117 11.06 4.03 30.72
C ALA C 117 10.49 5.45 30.88
N PRO C 118 9.19 5.62 30.63
CA PRO C 118 8.62 6.97 30.71
C PRO C 118 8.55 7.50 32.13
N SER C 119 8.69 8.82 32.24
CA SER C 119 8.38 9.55 33.46
C SER C 119 6.97 10.12 33.32
N VAL C 120 6.15 9.93 34.35
CA VAL C 120 4.73 10.25 34.29
C VAL C 120 4.40 11.24 35.39
N THR C 121 3.73 12.33 35.02
CA THR C 121 3.16 13.28 35.96
C THR C 121 1.67 13.40 35.67
N LEU C 122 0.85 13.25 36.72
CA LEU C 122 -0.60 13.30 36.59
C LEU C 122 -1.12 14.44 37.46
N PHE C 123 -1.89 15.36 36.84
CA PHE C 123 -2.47 16.48 37.57
C PHE C 123 -3.97 16.30 37.72
N PRO C 124 -4.51 16.61 38.89
CA PRO C 124 -5.96 16.59 39.07
C PRO C 124 -6.60 17.82 38.45
N PRO C 125 -7.93 17.86 38.33
CA PRO C 125 -8.58 19.10 37.88
C PRO C 125 -8.28 20.23 38.84
N SER C 126 -8.06 21.42 38.28
CA SER C 126 -7.83 22.59 39.12
C SER C 126 -9.13 23.03 39.77
N SER C 127 -9.00 23.78 40.86
CA SER C 127 -10.18 24.33 41.51
C SER C 127 -10.90 25.31 40.59
N GLU C 128 -10.15 26.08 39.81
CA GLU C 128 -10.76 27.03 38.89
C GLU C 128 -11.61 26.33 37.83
N GLU C 129 -11.10 25.23 37.28
CA GLU C 129 -11.89 24.49 36.28
C GLU C 129 -13.13 23.88 36.92
N LEU C 130 -13.00 23.36 38.14
CA LEU C 130 -14.15 22.77 38.83
C LEU C 130 -15.22 23.84 39.11
N GLN C 131 -14.79 25.04 39.48
CA GLN C 131 -15.74 26.14 39.66
C GLN C 131 -16.41 26.53 38.35
N ALA C 132 -15.77 26.27 37.22
CA ALA C 132 -16.38 26.45 35.90
C ALA C 132 -17.16 25.23 35.46
N ASN C 133 -17.42 24.29 36.37
CA ASN C 133 -18.25 23.11 36.13
C ASN C 133 -17.61 22.18 35.09
N LYS C 134 -16.29 22.19 34.98
CA LYS C 134 -15.55 21.30 34.09
C LYS C 134 -14.45 20.60 34.88
N ALA C 135 -13.90 19.54 34.29
CA ALA C 135 -12.85 18.79 34.95
C ALA C 135 -12.01 18.05 33.93
N THR C 136 -10.70 18.28 33.97
CA THR C 136 -9.75 17.59 33.08
C THR C 136 -8.62 17.01 33.90
N LEU C 137 -8.29 15.75 33.64
CA LEU C 137 -7.12 15.11 34.20
C LEU C 137 -6.00 15.15 33.16
N VAL C 138 -4.81 15.52 33.60
CA VAL C 138 -3.69 15.76 32.69
C VAL C 138 -2.57 14.79 33.05
N CYS C 139 -2.27 13.89 32.11
CA CYS C 139 -1.20 12.90 32.27
C CYS C 139 -0.08 13.27 31.29
N LEU C 140 1.06 13.67 31.83
CA LEU C 140 2.20 14.14 31.03
C LEU C 140 3.29 13.07 31.08
N ILE C 141 3.69 12.60 29.90
CA ILE C 141 4.60 11.46 29.75
C ILE C 141 5.83 11.94 28.98
N SER C 142 7.02 11.70 29.54
CA SER C 142 8.22 12.26 28.96
C SER C 142 9.39 11.31 29.14
N ASP C 143 10.44 11.57 28.35
CA ASP C 143 11.75 10.92 28.51
C ASP C 143 11.68 9.41 28.32
N PHE C 144 10.93 8.94 27.34
CA PHE C 144 10.89 7.52 27.04
C PHE C 144 11.47 7.26 25.64
N TYR C 145 12.12 6.10 25.51
CA TYR C 145 12.83 5.69 24.31
C TYR C 145 12.86 4.17 24.26
N PRO C 146 12.45 3.55 23.14
CA PRO C 146 11.96 4.14 21.87
C PRO C 146 10.61 4.82 22.03
N GLY C 147 10.19 5.61 21.05
CA GLY C 147 8.99 6.42 21.19
C GLY C 147 7.69 5.70 20.85
N ALA C 148 7.34 4.69 21.63
CA ALA C 148 6.09 3.98 21.45
C ALA C 148 5.51 3.66 22.82
N VAL C 149 4.32 4.20 23.10
CA VAL C 149 3.64 3.98 24.37
C VAL C 149 2.16 3.75 24.11
N THR C 150 1.50 3.12 25.08
CA THR C 150 0.04 3.07 25.14
C THR C 150 -0.41 3.50 26.53
N VAL C 151 -1.54 4.20 26.59
CA VAL C 151 -2.01 4.82 27.82
C VAL C 151 -3.39 4.25 28.14
N ALA C 152 -3.57 3.83 29.39
CA ALA C 152 -4.87 3.36 29.88
C ALA C 152 -5.23 4.11 31.14
N TRP C 153 -6.51 4.45 31.27
CA TRP C 153 -7.01 5.17 32.43
C TRP C 153 -7.91 4.25 33.26
N LYS C 154 -7.94 4.52 34.57
CA LYS C 154 -8.76 3.76 35.50
C LYS C 154 -9.55 4.71 36.38
N ALA C 155 -10.83 4.41 36.58
CA ALA C 155 -11.65 5.05 37.60
C ALA C 155 -11.76 4.07 38.76
N ASP C 156 -11.20 4.46 39.92
CA ASP C 156 -10.94 3.53 41.01
C ASP C 156 -10.08 2.39 40.49
N SER C 157 -10.69 1.24 40.20
CA SER C 157 -9.96 0.11 39.63
C SER C 157 -10.53 -0.35 38.30
N SER C 158 -11.53 0.34 37.76
CA SER C 158 -12.15 -0.11 36.52
C SER C 158 -11.69 0.73 35.34
N PRO C 159 -11.53 0.10 34.16
CA PRO C 159 -11.12 0.85 32.98
C PRO C 159 -12.14 1.91 32.58
N VAL C 160 -11.63 3.04 32.09
CA VAL C 160 -12.46 4.08 31.51
C VAL C 160 -11.85 4.48 30.17
N LYS C 161 -12.64 4.43 29.11
CA LYS C 161 -12.21 4.80 27.77
C LYS C 161 -12.89 6.04 27.22
N ALA C 162 -14.05 6.42 27.76
CA ALA C 162 -14.74 7.60 27.29
C ALA C 162 -14.05 8.86 27.78
N GLY C 163 -13.93 9.84 26.90
CA GLY C 163 -13.33 11.11 27.26
C GLY C 163 -11.82 11.13 27.29
N VAL C 164 -11.17 10.14 26.69
CA VAL C 164 -9.71 10.06 26.69
C VAL C 164 -9.19 10.55 25.35
N GLU C 165 -8.30 11.55 25.39
CA GLU C 165 -7.61 12.05 24.20
C GLU C 165 -6.12 11.99 24.46
N THR C 166 -5.39 11.31 23.57
CA THR C 166 -3.96 11.09 23.74
C THR C 166 -3.22 11.53 22.49
N THR C 167 -2.08 12.19 22.68
CA THR C 167 -1.26 12.60 21.56
C THR C 167 -0.40 11.45 21.07
N THR C 168 -0.02 11.51 19.79
CA THR C 168 1.00 10.61 19.30
C THR C 168 2.36 11.04 19.86
N PRO C 169 3.24 10.09 20.18
CA PRO C 169 4.54 10.46 20.75
C PRO C 169 5.33 11.34 19.78
N SER C 170 6.05 12.32 20.35
CA SER C 170 6.83 13.27 19.59
C SER C 170 8.24 13.35 20.16
N LYS C 171 9.20 13.58 19.27
CA LYS C 171 10.61 13.56 19.67
C LYS C 171 10.97 14.82 20.45
N GLN C 172 11.61 14.64 21.60
CA GLN C 172 12.15 15.77 22.34
C GLN C 172 13.52 16.14 21.80
N SER C 173 14.12 17.18 22.37
CA SER C 173 15.43 17.63 21.91
C SER C 173 16.53 16.63 22.25
N ASN C 174 16.37 15.88 23.34
CA ASN C 174 17.36 14.90 23.76
C ASN C 174 17.17 13.54 23.12
N ASN C 175 16.39 13.46 22.03
CA ASN C 175 16.09 12.27 21.25
C ASN C 175 15.19 11.27 21.98
N LYS C 176 14.82 11.54 23.23
CA LYS C 176 13.75 10.79 23.87
C LYS C 176 12.41 11.38 23.43
N TYR C 177 11.31 10.77 23.89
CA TYR C 177 9.99 11.13 23.38
C TYR C 177 9.08 11.61 24.50
N ALA C 178 8.08 12.39 24.11
CA ALA C 178 7.09 12.92 25.02
C ALA C 178 5.70 12.69 24.46
N ALA C 179 4.73 12.57 25.36
CA ALA C 179 3.33 12.42 24.99
C ALA C 179 2.48 12.90 26.16
N SER C 180 1.19 13.12 25.89
CA SER C 180 0.28 13.54 26.94
C SER C 180 -1.10 12.94 26.67
N SER C 181 -1.83 12.67 27.74
CA SER C 181 -3.17 12.12 27.67
C SER C 181 -4.09 12.92 28.60
N TYR C 182 -5.27 13.25 28.10
CA TYR C 182 -6.25 14.06 28.82
C TYR C 182 -7.53 13.26 29.00
N LEU C 183 -8.02 13.21 30.24
CA LEU C 183 -9.29 12.57 30.55
C LEU C 183 -10.28 13.64 31.02
N SER C 184 -11.38 13.78 30.29
CA SER C 184 -12.40 14.76 30.61
C SER C 184 -13.48 14.11 31.46
N LEU C 185 -13.83 14.76 32.57
CA LEU C 185 -14.83 14.27 33.49
C LEU C 185 -15.77 15.40 33.88
N THR C 186 -16.97 15.03 34.29
CA THR C 186 -17.77 16.01 35.01
C THR C 186 -17.25 16.15 36.43
N PRO C 187 -17.47 17.30 37.07
CA PRO C 187 -17.03 17.44 38.47
C PRO C 187 -17.67 16.42 39.39
N GLU C 188 -18.87 15.94 39.06
CA GLU C 188 -19.53 14.93 39.88
C GLU C 188 -18.81 13.59 39.80
N GLN C 189 -18.42 13.17 38.60
CA GLN C 189 -17.66 11.93 38.47
C GLN C 189 -16.33 12.02 39.20
N TRP C 190 -15.64 13.16 39.08
CA TRP C 190 -14.38 13.36 39.77
C TRP C 190 -14.56 13.20 41.28
N LYS C 191 -15.56 13.89 41.84
CA LYS C 191 -15.81 13.82 43.28
C LYS C 191 -16.31 12.45 43.71
N SER C 192 -16.97 11.70 42.81
CA SER C 192 -17.64 10.48 43.20
C SER C 192 -16.68 9.33 43.46
N HIS C 193 -15.57 9.26 42.73
CA HIS C 193 -14.66 8.12 42.85
C HIS C 193 -13.57 8.39 43.88
N ARG C 194 -13.04 7.30 44.43
CA ARG C 194 -11.92 7.42 45.37
C ARG C 194 -10.68 7.98 44.67
N SER C 195 -10.43 7.56 43.43
CA SER C 195 -9.21 7.94 42.75
C SER C 195 -9.36 7.71 41.24
N TYR C 196 -8.43 8.28 40.49
CA TYR C 196 -8.26 8.00 39.07
C TYR C 196 -6.78 7.73 38.81
N SER C 197 -6.49 6.93 37.80
CA SER C 197 -5.12 6.51 37.52
C SER C 197 -4.80 6.64 36.04
N CYS C 198 -3.59 7.10 35.75
CA CYS C 198 -3.04 7.11 34.40
C CYS C 198 -1.93 6.08 34.32
N GLN C 199 -2.06 5.12 33.41
CA GLN C 199 -1.17 3.97 33.33
C GLN C 199 -0.54 3.90 31.94
N VAL C 200 0.79 3.97 31.89
CA VAL C 200 1.53 4.05 30.65
C VAL C 200 2.33 2.76 30.48
N THR C 201 2.17 2.13 29.32
CA THR C 201 2.86 0.89 28.99
C THR C 201 3.96 1.17 27.98
N HIS C 202 5.17 0.69 28.26
CA HIS C 202 6.31 0.94 27.40
C HIS C 202 7.24 -0.27 27.45
N GLU C 203 7.53 -0.84 26.28
CA GLU C 203 8.46 -1.96 26.15
C GLU C 203 8.08 -3.12 27.06
N GLY C 204 6.79 -3.40 27.15
CA GLY C 204 6.29 -4.47 27.97
C GLY C 204 6.20 -4.18 29.45
N SER C 205 6.56 -2.98 29.89
CA SER C 205 6.56 -2.61 31.30
C SER C 205 5.67 -1.39 31.51
N THR C 206 5.30 -1.14 32.76
CA THR C 206 4.23 -0.18 33.02
C THR C 206 4.66 0.80 34.09
N VAL C 207 4.25 2.05 33.94
CA VAL C 207 4.36 3.08 34.98
C VAL C 207 2.97 3.68 35.18
N GLU C 208 2.58 3.87 36.44
CA GLU C 208 1.24 4.35 36.75
C GLU C 208 1.27 5.40 37.85
N LYS C 209 0.47 6.45 37.68
CA LYS C 209 0.26 7.49 38.66
C LYS C 209 -1.22 7.57 39.02
N THR C 210 -1.51 8.01 40.24
CA THR C 210 -2.88 8.06 40.75
C THR C 210 -3.11 9.38 41.48
N VAL C 211 -4.31 9.95 41.31
CA VAL C 211 -4.71 11.15 42.03
C VAL C 211 -6.08 10.91 42.66
N ALA C 212 -6.35 11.61 43.75
CA ALA C 212 -7.60 11.47 44.48
C ALA C 212 -8.21 12.83 44.76
N PRO C 213 -9.55 12.92 44.78
CA PRO C 213 -10.19 14.21 45.10
C PRO C 213 -9.84 14.74 46.47
N THR C 214 -9.67 13.86 47.45
CA THR C 214 -9.34 14.29 48.82
C THR C 214 -7.87 14.05 49.12
#